data_9S5K
#
_entry.id   9S5K
#
_cell.length_a   43.381
_cell.length_b   83.545
_cell.length_c   208.316
_cell.angle_alpha   90.000
_cell.angle_beta   90.000
_cell.angle_gamma   90.000
#
_symmetry.space_group_name_H-M   'P 21 21 21'
#
loop_
_entity.id
_entity.type
_entity.pdbx_description
1 polymer Beta-lactamase
2 non-polymer 'PHOSPHATE ION'
3 non-polymer '2-[(9~{R})-8-oxa-7-boranidabicyclo[4.3.0]nona-1,3,5-trien-9-yl]ethanoic acid'
4 non-polymer GLYCINE
5 water water
#
_entity_poly.entity_id   1
_entity_poly.type   'polypeptide(L)'
_entity_poly.pdbx_seq_one_letter_code
;SNTPKDQEIKKLVDQNFKPLLEKYDVPGMAVGVIQNNKKYEMYYGLQSVQDKKAVNSSTIFELGSVSKLFTATAGGYAKN
KGKISFDDTPGKYWKELKNTPIDQVNLLQLATYTSGNLALQFPDEVKTDQQVLTFFKDWKPKNSIGEYRQYSNPSIGLFG
KVVALSMNKPFDQVLEKTIFPALGLKHSYVNVPKTQMQNYAFGYNQENQPIRVNPGPLDAPAYGVKSTLPDMLSFIHANL
NPQKYPADIQRAINETHQGRYQVNTMYQALGWEEFSYPATLQTLLDSNSEQIVMKPNKVTAISKEPSVKMYHKTGSTTGF
GTYVVFIPKENIGLVMLTNKRIPNEERIKAAYAVLNAIKK
;
_entity_poly.pdbx_strand_id   B,A
#
loop_
_chem_comp.id
_chem_comp.type
_chem_comp.name
_chem_comp.formula
A1JLW non-polymer '2-[(9~{R})-8-oxa-7-boranidabicyclo[4.3.0]nona-1,3,5-trien-9-yl]ethanoic acid' 'C9 H8 B O3 -1'
PO4 non-polymer 'PHOSPHATE ION' 'O4 P -3'
#
# COMPACT_ATOMS: atom_id res chain seq x y z
N ASN A 2 12.28 21.56 -18.84
CA ASN A 2 13.23 22.66 -18.83
C ASN A 2 13.60 23.12 -17.43
N THR A 3 13.55 22.20 -16.47
CA THR A 3 13.88 22.48 -15.09
C THR A 3 15.07 21.63 -14.68
N PRO A 4 16.16 22.22 -14.17
CA PRO A 4 17.31 21.41 -13.75
C PRO A 4 16.93 20.35 -12.71
N LYS A 5 17.67 19.23 -12.76
CA LYS A 5 17.37 18.09 -11.90
C LYS A 5 17.42 18.44 -10.42
N ASP A 6 18.40 19.27 -10.01
CA ASP A 6 18.45 19.63 -8.59
C ASP A 6 17.16 20.31 -8.14
N GLN A 7 16.58 21.16 -9.01
CA GLN A 7 15.30 21.80 -8.70
C GLN A 7 14.15 20.80 -8.75
N GLU A 8 14.21 19.85 -9.68
CA GLU A 8 13.16 18.82 -9.74
C GLU A 8 13.12 18.01 -8.46
N ILE A 9 14.28 17.64 -7.93
CA ILE A 9 14.33 16.84 -6.71
C ILE A 9 13.90 17.67 -5.52
N LYS A 10 14.38 18.92 -5.43
CA LYS A 10 13.93 19.82 -4.38
C LYS A 10 12.41 19.99 -4.40
N LYS A 11 11.82 20.17 -5.59
CA LYS A 11 10.36 20.28 -5.68
C LYS A 11 9.66 19.02 -5.17
N LEU A 12 10.16 17.84 -5.54
CA LEU A 12 9.54 16.59 -5.06
C LEU A 12 9.62 16.47 -3.54
N VAL A 13 10.77 16.83 -2.96
CA VAL A 13 10.89 16.82 -1.51
C VAL A 13 9.99 17.87 -0.87
N ASP A 14 9.88 19.05 -1.48
CA ASP A 14 8.94 20.05 -0.98
C ASP A 14 7.50 19.53 -1.00
N GLN A 15 7.13 18.79 -2.05
CA GLN A 15 5.75 18.34 -2.19
C GLN A 15 5.42 17.22 -1.21
N ASN A 16 6.40 16.39 -0.87
CA ASN A 16 6.14 15.16 -0.13
C ASN A 16 6.63 15.17 1.30
N PHE A 17 7.76 15.81 1.58
CA PHE A 17 8.29 15.86 2.95
C PHE A 17 7.98 17.17 3.66
N LYS A 18 8.12 18.31 2.98
CA LYS A 18 7.88 19.59 3.65
C LYS A 18 6.52 19.69 4.35
N PRO A 19 5.40 19.21 3.79
CA PRO A 19 4.13 19.34 4.53
C PRO A 19 4.12 18.63 5.88
N LEU A 20 5.00 17.64 6.09
CA LEU A 20 5.05 16.94 7.36
C LEU A 20 5.48 17.85 8.51
N LEU A 21 6.21 18.92 8.22
CA LEU A 21 6.63 19.84 9.28
C LEU A 21 5.44 20.46 9.98
N GLU A 22 4.52 21.05 9.21
N GLU A 22 4.50 21.03 9.20
CA GLU A 22 3.32 21.63 9.80
CA GLU A 22 3.33 21.65 9.81
C GLU A 22 2.41 20.55 10.37
C GLU A 22 2.31 20.61 10.28
N LYS A 23 2.25 19.44 9.64
CA LYS A 23 1.29 18.43 10.05
C LYS A 23 1.63 17.85 11.42
N TYR A 24 2.92 17.66 11.71
CA TYR A 24 3.35 17.04 12.95
C TYR A 24 4.10 18.01 13.85
N ASP A 25 4.09 19.31 13.53
CA ASP A 25 4.73 20.33 14.37
C ASP A 25 6.20 19.99 14.63
N VAL A 26 6.93 19.70 13.55
CA VAL A 26 8.31 19.23 13.59
C VAL A 26 9.23 20.44 13.44
N PRO A 27 10.15 20.69 14.37
CA PRO A 27 10.97 21.91 14.23
C PRO A 27 11.94 21.88 13.06
N GLY A 28 12.57 20.74 12.79
CA GLY A 28 13.66 20.71 11.81
C GLY A 28 13.74 19.37 11.09
N MET A 29 14.23 19.42 9.86
CA MET A 29 14.26 18.22 9.03
C MET A 29 15.38 18.35 8.00
N ALA A 30 16.06 17.24 7.74
CA ALA A 30 17.04 17.17 6.66
C ALA A 30 16.67 15.98 5.79
N VAL A 31 16.55 16.20 4.49
CA VAL A 31 16.27 15.14 3.52
C VAL A 31 17.38 15.15 2.48
N GLY A 32 17.92 13.99 2.20
CA GLY A 32 18.94 13.86 1.16
C GLY A 32 18.57 12.78 0.17
N VAL A 33 18.92 13.02 -1.09
CA VAL A 33 18.77 12.03 -2.14
C VAL A 33 20.14 11.87 -2.79
N ILE A 34 20.53 10.63 -3.07
CA ILE A 34 21.70 10.37 -3.88
C ILE A 34 21.24 9.60 -5.11
N GLN A 35 21.59 10.10 -6.29
CA GLN A 35 21.23 9.40 -7.53
C GLN A 35 22.42 9.46 -8.44
N ASN A 36 22.89 8.30 -8.91
CA ASN A 36 24.00 8.25 -9.87
C ASN A 36 25.22 9.01 -9.36
N ASN A 37 25.54 8.81 -8.08
CA ASN A 37 26.68 9.43 -7.40
C ASN A 37 26.55 10.94 -7.22
N LYS A 38 25.39 11.53 -7.51
CA LYS A 38 25.13 12.95 -7.25
C LYS A 38 24.26 13.09 -6.02
N LYS A 39 24.64 14.00 -5.12
CA LYS A 39 23.94 14.19 -3.86
C LYS A 39 23.14 15.48 -3.89
N TYR A 40 21.95 15.42 -3.31
CA TYR A 40 21.05 16.56 -3.22
C TYR A 40 20.62 16.65 -1.77
N GLU A 41 20.88 17.79 -1.12
CA GLU A 41 20.62 17.98 0.30
C GLU A 41 19.60 19.09 0.48
N MET A 42 18.60 18.83 1.32
CA MET A 42 17.51 19.77 1.57
C MET A 42 17.34 19.89 3.08
N TYR A 43 17.48 21.09 3.60
CA TYR A 43 17.40 21.36 5.03
C TYR A 43 16.25 22.30 5.31
N TYR A 44 15.49 22.03 6.36
CA TYR A 44 14.31 22.82 6.70
C TYR A 44 14.28 23.08 8.21
N GLY A 45 13.80 24.26 8.58
CA GLY A 45 13.48 24.50 9.98
C GLY A 45 14.71 24.68 10.87
N LEU A 46 14.53 24.34 12.15
CA LEU A 46 15.47 24.70 13.20
C LEU A 46 15.99 23.45 13.89
N GLN A 47 17.31 23.38 14.06
CA GLN A 47 17.88 22.33 14.90
C GLN A 47 17.70 22.64 16.38
N SER A 48 17.61 23.92 16.74
CA SER A 48 17.27 24.37 18.08
C SER A 48 16.28 25.51 17.96
N VAL A 49 15.08 25.30 18.47
CA VAL A 49 14.05 26.34 18.44
C VAL A 49 14.47 27.55 19.26
N GLN A 50 14.90 27.31 20.51
CA GLN A 50 15.21 28.42 21.41
C GLN A 50 16.43 29.20 20.95
N ASP A 51 17.38 28.54 20.29
CA ASP A 51 18.56 29.23 19.77
C ASP A 51 18.36 29.77 18.37
N LYS A 52 17.20 29.54 17.76
CA LYS A 52 16.93 29.96 16.38
C LYS A 52 18.04 29.51 15.43
N LYS A 53 18.53 28.29 15.62
CA LYS A 53 19.65 27.77 14.85
C LYS A 53 19.10 26.90 13.73
N ALA A 54 19.38 27.28 12.49
CA ALA A 54 18.85 26.56 11.32
C ALA A 54 19.46 25.18 11.16
N VAL A 55 18.64 24.21 10.74
CA VAL A 55 19.15 22.93 10.28
C VAL A 55 20.05 23.17 9.07
N ASN A 56 21.20 22.49 9.04
CA ASN A 56 22.16 22.68 7.97
C ASN A 56 23.02 21.41 7.86
N SER A 57 24.01 21.46 6.95
CA SER A 57 24.85 20.29 6.70
C SER A 57 25.66 19.84 7.92
N SER A 58 25.85 20.72 8.91
CA SER A 58 26.56 20.35 10.13
C SER A 58 25.65 19.78 11.21
N THR A 59 24.34 19.83 11.05
CA THR A 59 23.44 19.42 12.14
C THR A 59 23.56 17.93 12.40
N ILE A 60 23.75 17.59 13.67
CA ILE A 60 23.84 16.20 14.14
C ILE A 60 22.49 15.79 14.72
N PHE A 61 21.97 14.64 14.24
CA PHE A 61 20.70 14.06 14.63
C PHE A 61 20.92 12.68 15.24
N GLU A 62 20.03 12.26 16.15
CA GLU A 62 20.05 10.89 16.67
C GLU A 62 19.37 9.96 15.66
N LEU A 63 20.02 8.83 15.36
CA LEU A 63 19.54 7.85 14.38
C LEU A 63 18.62 6.78 14.96
N GLY A 64 18.53 6.63 16.28
CA GLY A 64 17.71 5.56 16.84
C GLY A 64 18.12 4.20 16.28
N SER A 65 17.12 3.39 15.94
CA SER A 65 17.42 2.03 15.46
C SER A 65 18.18 1.99 14.14
N VAL A 66 18.28 3.08 13.38
CA VAL A 66 19.16 3.07 12.21
C VAL A 66 20.61 2.82 12.64
N SER A 67 20.94 3.10 13.90
CA SER A 67 22.24 2.71 14.47
C SER A 67 22.54 1.23 14.25
N LYS A 68 21.50 0.37 14.24
CA LYS A 68 21.69 -1.06 14.08
C LYS A 68 22.35 -1.40 12.76
N LEU A 69 22.24 -0.51 11.75
CA LEU A 69 22.92 -0.75 10.48
C LEU A 69 24.43 -0.68 10.65
N PHE A 70 24.90 0.20 11.54
CA PHE A 70 26.33 0.26 11.81
C PHE A 70 26.78 -0.93 12.65
N THR A 71 25.95 -1.37 13.61
CA THR A 71 26.27 -2.57 14.37
C THR A 71 26.39 -3.76 13.43
N ALA A 72 25.47 -3.88 12.48
CA ALA A 72 25.51 -4.96 11.52
C ALA A 72 26.77 -4.91 10.66
N THR A 73 27.15 -3.70 10.24
CA THR A 73 28.37 -3.54 9.44
C THR A 73 29.59 -3.94 10.25
N ALA A 74 29.63 -3.55 11.53
CA ALA A 74 30.73 -3.95 12.40
C ALA A 74 30.80 -5.48 12.54
N GLY A 75 29.64 -6.15 12.65
CA GLY A 75 29.64 -7.60 12.72
C GLY A 75 30.11 -8.24 11.42
N GLY A 76 29.67 -7.70 10.29
CA GLY A 76 30.16 -8.20 9.01
C GLY A 76 31.66 -8.02 8.85
N TYR A 77 32.19 -6.91 9.38
CA TYR A 77 33.63 -6.68 9.34
C TYR A 77 34.37 -7.70 10.18
N ALA A 78 33.94 -7.88 11.44
CA ALA A 78 34.60 -8.84 12.32
C ALA A 78 34.52 -10.24 11.74
N LYS A 79 33.37 -10.61 11.17
CA LYS A 79 33.23 -11.94 10.58
C LYS A 79 34.19 -12.14 9.43
N ASN A 80 34.33 -11.13 8.57
CA ASN A 80 35.17 -11.30 7.39
C ASN A 80 36.66 -11.18 7.69
N LYS A 81 37.03 -10.57 8.80
CA LYS A 81 38.41 -10.60 9.27
C LYS A 81 38.74 -11.87 10.05
N GLY A 82 37.79 -12.78 10.22
CA GLY A 82 38.05 -14.00 10.96
C GLY A 82 38.03 -13.85 12.46
N LYS A 83 37.47 -12.75 12.98
CA LYS A 83 37.41 -12.55 14.43
C LYS A 83 36.21 -13.25 15.05
N ILE A 84 35.13 -13.44 14.28
CA ILE A 84 33.98 -14.21 14.72
C ILE A 84 33.51 -15.08 13.56
N SER A 85 32.77 -16.12 13.90
CA SER A 85 31.88 -16.82 12.99
C SER A 85 30.45 -16.58 13.46
N PHE A 86 29.53 -16.40 12.50
CA PHE A 86 28.13 -16.23 12.86
C PHE A 86 27.52 -17.49 13.51
N ASP A 87 28.20 -18.64 13.40
CA ASP A 87 27.76 -19.85 14.08
C ASP A 87 28.25 -19.92 15.53
N ASP A 88 29.10 -18.99 15.94
CA ASP A 88 29.56 -18.98 17.31
C ASP A 88 28.42 -18.59 18.24
N THR A 89 28.59 -18.90 19.52
CA THR A 89 27.67 -18.47 20.56
C THR A 89 28.34 -17.43 21.46
N PRO A 90 27.56 -16.66 22.22
CA PRO A 90 28.16 -15.50 22.90
C PRO A 90 29.18 -15.86 23.98
N GLY A 91 29.05 -17.05 24.59
CA GLY A 91 29.98 -17.47 25.63
C GLY A 91 31.39 -17.71 25.14
N LYS A 92 31.59 -17.86 23.82
CA LYS A 92 32.93 -17.95 23.29
C LYS A 92 33.71 -16.66 23.54
N TYR A 93 33.01 -15.54 23.63
CA TYR A 93 33.63 -14.23 23.74
C TYR A 93 33.37 -13.56 25.07
N TRP A 94 32.13 -13.58 25.55
CA TRP A 94 31.80 -13.12 26.89
C TRP A 94 31.80 -14.36 27.78
N LYS A 95 32.94 -14.61 28.42
CA LYS A 95 33.19 -15.92 29.02
C LYS A 95 32.23 -16.22 30.16
N GLU A 96 31.73 -15.19 30.85
CA GLU A 96 30.78 -15.39 31.94
C GLU A 96 29.45 -15.95 31.45
N LEU A 97 29.19 -15.96 30.15
CA LEU A 97 27.97 -16.55 29.61
C LEU A 97 28.15 -18.01 29.20
N LYS A 98 29.37 -18.54 29.29
CA LYS A 98 29.63 -19.93 28.94
C LYS A 98 28.72 -20.85 29.73
N ASN A 99 28.10 -21.81 29.04
CA ASN A 99 27.27 -22.85 29.63
C ASN A 99 26.00 -22.32 30.29
N THR A 100 25.61 -21.10 30.00
CA THR A 100 24.30 -20.62 30.37
C THR A 100 23.33 -20.86 29.22
N PRO A 101 22.03 -20.81 29.48
CA PRO A 101 21.07 -21.06 28.38
C PRO A 101 21.24 -20.15 27.17
N ILE A 102 21.59 -18.87 27.35
CA ILE A 102 21.77 -17.98 26.21
C ILE A 102 22.93 -18.41 25.33
N ASP A 103 23.87 -19.20 25.86
CA ASP A 103 24.99 -19.70 25.08
C ASP A 103 24.58 -20.79 24.09
N GLN A 104 23.29 -21.09 23.99
CA GLN A 104 22.78 -21.96 22.94
C GLN A 104 22.36 -21.19 21.69
N VAL A 105 22.32 -19.86 21.78
CA VAL A 105 21.90 -19.00 20.68
C VAL A 105 23.14 -18.53 19.92
N ASN A 106 23.11 -18.63 18.59
CA ASN A 106 24.29 -18.21 17.82
C ASN A 106 24.22 -16.72 17.48
N LEU A 107 25.34 -16.20 16.99
CA LEU A 107 25.48 -14.75 16.81
C LEU A 107 24.53 -14.23 15.73
N LEU A 108 24.33 -15.00 14.66
CA LEU A 108 23.39 -14.57 13.63
C LEU A 108 21.98 -14.50 14.19
N GLN A 109 21.61 -15.46 15.04
CA GLN A 109 20.29 -15.46 15.66
C GLN A 109 20.12 -14.25 16.59
N LEU A 110 21.18 -13.86 17.30
CA LEU A 110 21.10 -12.65 18.11
C LEU A 110 20.92 -11.42 17.21
N ALA A 111 21.72 -11.33 16.14
CA ALA A 111 21.70 -10.17 15.28
C ALA A 111 20.36 -10.01 14.56
N THR A 112 19.68 -11.13 14.27
CA THR A 112 18.43 -11.12 13.50
C THR A 112 17.22 -11.51 14.35
N TYR A 113 17.35 -11.43 15.69
CA TYR A 113 16.20 -11.38 16.60
C TYR A 113 15.46 -12.71 16.74
N THR A 114 16.14 -13.85 16.64
CA THR A 114 15.44 -15.13 16.69
C THR A 114 15.80 -16.00 17.90
N SER A 115 16.21 -15.39 19.01
CA SER A 115 16.52 -16.20 20.19
C SER A 115 15.28 -16.90 20.74
N GLY A 116 14.09 -16.38 20.48
CA GLY A 116 12.87 -16.95 21.00
C GLY A 116 12.40 -16.40 22.34
N ASN A 117 13.17 -15.54 22.99
CA ASN A 117 12.71 -14.96 24.26
C ASN A 117 13.46 -13.68 24.60
N LEU A 118 13.48 -12.73 23.67
CA LEU A 118 14.06 -11.42 23.95
C LEU A 118 13.10 -10.35 23.47
N ALA A 119 12.68 -9.48 24.40
CA ALA A 119 11.67 -8.46 24.14
C ALA A 119 12.28 -7.23 23.47
N LEU A 120 11.42 -6.27 23.15
CA LEU A 120 11.86 -5.06 22.47
C LEU A 120 12.97 -4.34 23.26
N GLN A 121 12.80 -4.21 24.57
CA GLN A 121 13.73 -3.48 25.42
C GLN A 121 14.19 -4.35 26.58
N PHE A 122 15.35 -4.01 27.14
CA PHE A 122 15.72 -4.50 28.45
C PHE A 122 14.67 -4.04 29.47
N PRO A 123 14.51 -4.78 30.57
CA PRO A 123 13.68 -4.28 31.68
C PRO A 123 14.18 -2.92 32.15
N ASP A 124 13.24 -2.10 32.64
CA ASP A 124 13.57 -0.74 33.07
C ASP A 124 14.70 -0.73 34.10
N GLU A 125 14.72 -1.71 35.01
N GLU A 125 14.72 -1.71 35.02
CA GLU A 125 15.67 -1.72 36.10
CA GLU A 125 15.68 -1.69 36.11
C GLU A 125 16.99 -2.40 35.76
C GLU A 125 17.08 -2.15 35.68
N VAL A 126 17.22 -2.73 34.50
CA VAL A 126 18.53 -3.22 34.05
C VAL A 126 19.29 -2.03 33.50
N LYS A 127 20.30 -1.56 34.25
CA LYS A 127 20.98 -0.31 33.92
C LYS A 127 22.49 -0.47 33.89
N THR A 128 23.07 -1.05 34.93
CA THR A 128 24.52 -1.15 35.04
C THR A 128 25.04 -2.35 34.24
N ASP A 129 26.36 -2.37 34.04
CA ASP A 129 27.01 -3.49 33.37
C ASP A 129 26.74 -4.80 34.09
N GLN A 130 26.81 -4.78 35.42
CA GLN A 130 26.53 -6.00 36.18
C GLN A 130 25.09 -6.45 35.98
N GLN A 131 24.15 -5.50 35.93
CA GLN A 131 22.75 -5.88 35.74
C GLN A 131 22.51 -6.47 34.35
N VAL A 132 23.22 -5.96 33.34
CA VAL A 132 23.12 -6.53 32.00
C VAL A 132 23.64 -7.97 32.00
N LEU A 133 24.79 -8.21 32.64
CA LEU A 133 25.33 -9.56 32.71
C LEU A 133 24.35 -10.49 33.42
N THR A 134 23.84 -10.06 34.58
CA THR A 134 22.88 -10.88 35.33
C THR A 134 21.64 -11.17 34.49
N PHE A 135 21.16 -10.18 33.74
CA PHE A 135 20.00 -10.40 32.88
C PHE A 135 20.26 -11.54 31.91
N PHE A 136 21.42 -11.55 31.26
CA PHE A 136 21.70 -12.61 30.30
C PHE A 136 22.00 -13.94 30.98
N LYS A 137 22.61 -13.92 32.16
CA LYS A 137 22.81 -15.16 32.92
C LYS A 137 21.48 -15.76 33.36
N ASP A 138 20.50 -14.91 33.64
CA ASP A 138 19.19 -15.37 34.10
C ASP A 138 18.25 -15.71 32.95
N TRP A 139 18.68 -15.50 31.71
CA TRP A 139 17.85 -15.75 30.55
C TRP A 139 17.58 -17.24 30.40
N LYS A 140 16.35 -17.57 30.06
CA LYS A 140 15.97 -18.94 29.75
C LYS A 140 15.15 -18.92 28.47
N PRO A 141 15.21 -20.00 27.68
CA PRO A 141 14.48 -20.02 26.42
C PRO A 141 12.97 -20.08 26.62
N LYS A 142 12.25 -19.62 25.60
CA LYS A 142 10.80 -19.74 25.53
C LYS A 142 10.44 -20.50 24.26
N ASN A 143 10.27 -19.78 23.16
CA ASN A 143 10.08 -20.43 21.87
C ASN A 143 11.37 -21.11 21.44
N SER A 144 11.23 -22.07 20.52
N SER A 144 11.23 -22.07 20.52
CA SER A 144 12.39 -22.77 19.97
CA SER A 144 12.40 -22.76 19.98
C SER A 144 13.35 -21.76 19.34
C SER A 144 13.35 -21.76 19.34
N ILE A 145 14.64 -21.91 19.63
CA ILE A 145 15.65 -21.00 19.11
C ILE A 145 15.66 -21.03 17.58
N GLY A 146 15.68 -19.84 16.97
CA GLY A 146 15.78 -19.69 15.53
C GLY A 146 14.47 -19.64 14.79
N GLU A 147 13.35 -19.96 15.45
CA GLU A 147 12.09 -20.12 14.75
C GLU A 147 11.24 -18.85 14.67
N TYR A 148 11.35 -17.96 15.66
CA TYR A 148 10.49 -16.79 15.78
C TYR A 148 11.32 -15.50 15.82
N ARG A 149 10.96 -14.54 15.00
CA ARG A 149 11.56 -13.22 15.02
C ARG A 149 10.79 -12.32 15.97
N GLN A 150 11.49 -11.75 16.96
CA GLN A 150 10.92 -10.67 17.75
C GLN A 150 11.96 -9.55 17.78
N TYR A 151 11.67 -8.46 17.08
CA TYR A 151 12.58 -7.33 17.04
C TYR A 151 12.94 -6.87 18.45
N SER A 152 14.24 -6.72 18.71
CA SER A 152 14.75 -6.68 20.08
C SER A 152 16.06 -5.91 20.20
N ASN A 153 16.06 -4.91 21.08
CA ASN A 153 17.30 -4.21 21.42
C ASN A 153 18.28 -5.09 22.20
N PRO A 154 17.87 -5.81 23.25
CA PRO A 154 18.85 -6.68 23.92
C PRO A 154 19.48 -7.70 23.00
N SER A 155 18.74 -8.20 22.00
CA SER A 155 19.26 -9.24 21.13
C SER A 155 20.41 -8.72 20.28
N ILE A 156 20.18 -7.66 19.51
CA ILE A 156 21.27 -7.14 18.68
C ILE A 156 22.28 -6.39 19.52
N GLY A 157 21.86 -5.89 20.69
CA GLY A 157 22.81 -5.31 21.62
C GLY A 157 23.88 -6.30 22.07
N LEU A 158 23.44 -7.50 22.48
CA LEU A 158 24.38 -8.55 22.84
C LEU A 158 25.27 -8.92 21.66
N PHE A 159 24.70 -8.99 20.45
CA PHE A 159 25.50 -9.23 19.26
C PHE A 159 26.61 -8.18 19.14
N GLY A 160 26.26 -6.90 19.32
CA GLY A 160 27.25 -5.84 19.19
C GLY A 160 28.32 -5.92 20.26
N LYS A 161 27.93 -6.21 21.50
CA LYS A 161 28.92 -6.39 22.57
C LYS A 161 29.90 -7.50 22.24
N VAL A 162 29.39 -8.62 21.72
CA VAL A 162 30.25 -9.75 21.34
C VAL A 162 31.18 -9.37 20.19
N VAL A 163 30.66 -8.68 19.17
CA VAL A 163 31.50 -8.18 18.09
C VAL A 163 32.64 -7.34 18.66
N ALA A 164 32.31 -6.45 19.61
CA ALA A 164 33.34 -5.62 20.20
C ALA A 164 34.37 -6.46 20.97
N LEU A 165 33.90 -7.44 21.76
CA LEU A 165 34.84 -8.30 22.46
C LEU A 165 35.78 -9.00 21.50
N SER A 166 35.26 -9.45 20.35
CA SER A 166 36.08 -10.16 19.39
C SER A 166 37.14 -9.25 18.76
N MET A 167 36.93 -7.94 18.80
CA MET A 167 37.85 -6.97 18.23
C MET A 167 38.72 -6.32 19.30
N ASN A 168 38.59 -6.74 20.56
N ASN A 168 38.58 -6.75 20.55
CA ASN A 168 39.44 -6.25 21.65
CA ASN A 168 39.40 -6.25 21.67
C ASN A 168 39.28 -4.74 21.89
C ASN A 168 39.31 -4.74 21.82
N LYS A 169 38.11 -4.19 21.61
CA LYS A 169 37.87 -2.76 21.79
C LYS A 169 36.45 -2.57 22.31
N PRO A 170 36.19 -1.51 23.07
CA PRO A 170 34.80 -1.19 23.43
C PRO A 170 34.02 -0.86 22.17
N PHE A 171 32.72 -1.15 22.20
CA PHE A 171 31.88 -0.98 21.01
C PHE A 171 31.96 0.44 20.45
N ASP A 172 31.95 1.46 21.32
CA ASP A 172 32.00 2.83 20.81
C ASP A 172 33.26 3.06 20.00
N GLN A 173 34.37 2.45 20.40
CA GLN A 173 35.63 2.56 19.68
C GLN A 173 35.65 1.77 18.39
N VAL A 174 34.97 0.61 18.37
CA VAL A 174 34.81 -0.12 17.11
C VAL A 174 34.22 0.79 16.04
N LEU A 175 33.18 1.54 16.41
CA LEU A 175 32.58 2.43 15.42
C LEU A 175 33.43 3.66 15.18
N GLU A 176 33.87 4.34 16.26
CA GLU A 176 34.51 5.63 16.07
C GLU A 176 35.92 5.50 15.51
N LYS A 177 36.62 4.41 15.81
CA LYS A 177 38.00 4.25 15.35
C LYS A 177 38.15 3.33 14.15
N THR A 178 37.19 2.44 13.89
CA THR A 178 37.35 1.48 12.80
C THR A 178 36.28 1.66 11.72
N ILE A 179 35.00 1.52 12.08
CA ILE A 179 33.95 1.46 11.06
C ILE A 179 33.66 2.83 10.44
N PHE A 180 33.45 3.86 11.26
CA PHE A 180 33.22 5.20 10.69
C PHE A 180 34.37 5.66 9.81
N PRO A 181 35.64 5.59 10.23
CA PRO A 181 36.72 5.97 9.31
C PRO A 181 36.75 5.16 8.03
N ALA A 182 36.46 3.85 8.12
CA ALA A 182 36.50 3.03 6.92
C ALA A 182 35.42 3.43 5.92
N LEU A 183 34.27 3.91 6.41
CA LEU A 183 33.20 4.35 5.53
C LEU A 183 33.32 5.83 5.16
N GLY A 184 34.38 6.50 5.60
CA GLY A 184 34.58 7.90 5.27
C GLY A 184 33.64 8.86 5.97
N LEU A 185 33.16 8.52 7.16
CA LEU A 185 32.24 9.34 7.92
C LEU A 185 33.03 10.11 8.97
N LYS A 186 33.03 11.44 8.86
CA LYS A 186 33.81 12.29 9.75
C LYS A 186 32.97 13.12 10.72
N HIS A 187 31.64 13.00 10.67
CA HIS A 187 30.78 13.69 11.63
C HIS A 187 29.71 12.76 12.17
N SER A 188 30.12 11.52 12.46
CA SER A 188 29.26 10.50 13.03
C SER A 188 29.88 10.04 14.36
N TYR A 189 29.02 9.83 15.36
CA TYR A 189 29.52 9.61 16.71
C TYR A 189 28.62 8.66 17.46
N VAL A 190 29.22 7.92 18.39
CA VAL A 190 28.45 7.35 19.49
C VAL A 190 28.34 8.35 20.63
N ASN A 191 29.44 9.03 20.93
CA ASN A 191 29.48 10.09 21.94
C ASN A 191 29.90 11.37 21.25
N VAL A 192 29.03 12.37 21.26
CA VAL A 192 29.33 13.62 20.56
C VAL A 192 30.30 14.42 21.43
N PRO A 193 31.45 14.83 20.89
CA PRO A 193 32.43 15.54 21.71
C PRO A 193 32.00 16.97 21.99
N LYS A 194 32.60 17.54 23.04
CA LYS A 194 32.24 18.89 23.47
C LYS A 194 32.39 19.89 22.33
N THR A 195 33.40 19.70 21.48
CA THR A 195 33.66 20.60 20.37
C THR A 195 32.62 20.51 19.26
N GLN A 196 31.69 19.57 19.34
CA GLN A 196 30.61 19.44 18.39
C GLN A 196 29.22 19.60 19.00
N MET A 197 29.13 19.87 20.31
CA MET A 197 27.82 19.98 20.93
C MET A 197 26.99 21.11 20.33
N GLN A 198 27.63 22.17 19.84
CA GLN A 198 26.90 23.25 19.19
C GLN A 198 26.16 22.77 17.94
N ASN A 199 26.58 21.65 17.36
CA ASN A 199 25.93 21.11 16.17
C ASN A 199 24.91 20.03 16.48
N TYR A 200 24.82 19.59 17.73
CA TYR A 200 23.90 18.52 18.11
C TYR A 200 22.51 19.14 18.27
N ALA A 201 21.59 18.79 17.36
CA ALA A 201 20.22 19.28 17.47
C ALA A 201 19.61 18.93 18.83
N PHE A 202 18.73 19.80 19.33
CA PHE A 202 17.78 19.31 20.30
C PHE A 202 16.78 18.40 19.60
N GLY A 203 16.42 17.29 20.26
CA GLY A 203 15.20 16.61 19.91
C GLY A 203 14.01 17.26 20.57
N TYR A 204 12.81 16.91 20.08
CA TYR A 204 11.59 17.51 20.58
C TYR A 204 10.57 16.41 20.85
N ASN A 205 10.03 16.39 22.06
CA ASN A 205 9.07 15.37 22.45
C ASN A 205 7.70 15.71 21.87
N GLN A 206 6.68 14.95 22.25
CA GLN A 206 5.36 15.20 21.68
C GLN A 206 4.72 16.49 22.19
N GLU A 207 5.27 17.10 23.24
CA GLU A 207 4.86 18.41 23.70
C GLU A 207 5.78 19.52 23.18
N ASN A 208 6.63 19.20 22.19
CA ASN A 208 7.56 20.16 21.60
C ASN A 208 8.54 20.73 22.60
N GLN A 209 8.89 19.92 23.59
CA GLN A 209 9.90 20.28 24.57
C GLN A 209 11.25 19.68 24.19
N PRO A 210 12.34 20.44 24.33
CA PRO A 210 13.66 19.98 23.89
C PRO A 210 14.20 18.89 24.81
N ILE A 211 14.69 17.82 24.19
CA ILE A 211 15.21 16.63 24.87
C ILE A 211 16.31 16.02 24.01
N ARG A 212 17.10 15.14 24.63
CA ARG A 212 18.06 14.29 23.92
C ARG A 212 18.06 12.91 24.57
N VAL A 213 18.65 11.94 23.88
CA VAL A 213 18.58 10.54 24.32
C VAL A 213 19.30 10.37 25.66
N ASN A 214 18.74 9.52 26.51
CA ASN A 214 19.33 9.20 27.81
C ASN A 214 20.16 7.92 27.72
N PRO A 215 21.14 7.74 28.61
CA PRO A 215 21.90 6.49 28.63
C PRO A 215 20.99 5.30 28.90
N GLY A 216 21.35 4.16 28.32
CA GLY A 216 20.65 2.94 28.58
C GLY A 216 21.55 1.73 28.38
N PRO A 217 21.07 0.57 28.83
CA PRO A 217 21.89 -0.66 28.72
C PRO A 217 22.11 -1.04 27.26
N LEU A 218 23.38 -1.29 26.92
CA LEU A 218 23.79 -1.61 25.55
C LEU A 218 23.21 -0.61 24.54
N ASP A 219 23.15 0.67 24.95
CA ASP A 219 22.56 1.66 24.07
C ASP A 219 23.34 1.83 22.77
N ALA A 220 24.67 1.76 22.85
CA ALA A 220 25.48 2.06 21.67
C ALA A 220 25.18 1.13 20.49
N PRO A 221 25.22 -0.19 20.62
CA PRO A 221 24.91 -1.05 19.47
C PRO A 221 23.43 -1.05 19.07
N ALA A 222 22.52 -0.72 19.98
CA ALA A 222 21.09 -0.76 19.65
C ALA A 222 20.59 0.55 19.04
N TYR A 223 21.02 1.71 19.56
CA TYR A 223 20.47 2.98 19.11
C TYR A 223 21.42 4.14 19.41
N GLY A 224 22.71 3.90 19.38
CA GLY A 224 23.64 4.86 19.93
C GLY A 224 24.28 5.87 19.00
N VAL A 225 23.95 5.89 17.71
CA VAL A 225 24.70 6.69 16.73
C VAL A 225 23.99 8.00 16.46
N LYS A 226 24.78 9.06 16.31
CA LYS A 226 24.33 10.38 15.89
C LYS A 226 25.13 10.76 14.66
N SER A 227 24.49 11.41 13.69
CA SER A 227 25.16 11.66 12.42
C SER A 227 24.52 12.86 11.72
N THR A 228 25.15 13.29 10.64
CA THR A 228 24.70 14.41 9.83
C THR A 228 24.13 13.89 8.51
N LEU A 229 23.38 14.76 7.81
CA LEU A 229 22.87 14.37 6.50
C LEU A 229 24.00 14.02 5.53
N PRO A 230 25.07 14.82 5.40
CA PRO A 230 26.14 14.42 4.48
C PRO A 230 26.74 13.06 4.82
N ASP A 231 26.93 12.76 6.11
CA ASP A 231 27.47 11.46 6.47
C ASP A 231 26.51 10.33 6.14
N MET A 232 25.21 10.57 6.34
CA MET A 232 24.27 9.51 6.02
C MET A 232 24.16 9.29 4.52
N LEU A 233 24.31 10.35 3.71
CA LEU A 233 24.39 10.16 2.26
C LEU A 233 25.63 9.37 1.88
N SER A 234 26.76 9.63 2.57
CA SER A 234 27.96 8.84 2.34
C SER A 234 27.75 7.39 2.70
N PHE A 235 27.01 7.14 3.79
CA PHE A 235 26.72 5.77 4.18
C PHE A 235 25.85 5.08 3.13
N ILE A 236 24.86 5.79 2.60
CA ILE A 236 24.07 5.22 1.51
C ILE A 236 24.95 4.96 0.30
N HIS A 237 25.84 5.90 0.00
N HIS A 237 25.83 5.90 -0.03
CA HIS A 237 26.78 5.74 -1.12
CA HIS A 237 26.77 5.70 -1.14
C HIS A 237 27.61 4.48 -0.94
C HIS A 237 27.59 4.43 -0.94
N ALA A 238 28.07 4.21 0.28
CA ALA A 238 28.84 3.00 0.55
C ALA A 238 28.01 1.75 0.31
N ASN A 239 26.74 1.77 0.72
CA ASN A 239 25.85 0.63 0.48
C ASN A 239 25.53 0.44 -0.99
N LEU A 240 25.47 1.53 -1.78
CA LEU A 240 25.23 1.44 -3.21
C LEU A 240 26.46 1.01 -3.98
N ASN A 241 27.66 1.20 -3.42
CA ASN A 241 28.91 0.95 -4.16
C ASN A 241 29.93 0.28 -3.26
N PRO A 242 29.65 -0.94 -2.81
CA PRO A 242 30.60 -1.60 -1.90
C PRO A 242 31.91 -1.94 -2.55
N GLN A 243 31.92 -2.11 -3.88
CA GLN A 243 33.14 -2.41 -4.61
C GLN A 243 34.15 -1.27 -4.57
N LYS A 244 33.79 -0.12 -3.99
CA LYS A 244 34.69 1.02 -3.86
C LYS A 244 35.41 1.08 -2.53
N TYR A 245 35.40 0.00 -1.75
CA TYR A 245 36.03 -0.05 -0.45
C TYR A 245 36.98 -1.23 -0.40
N PRO A 246 37.94 -1.24 0.53
CA PRO A 246 38.85 -2.39 0.64
C PRO A 246 38.07 -3.66 0.92
N ALA A 247 38.75 -4.80 0.70
CA ALA A 247 38.06 -6.09 0.69
C ALA A 247 37.26 -6.33 1.97
N ASP A 248 37.85 -6.07 3.14
N ASP A 248 37.87 -6.06 3.13
CA ASP A 248 37.16 -6.40 4.38
CA ASP A 248 37.22 -6.35 4.40
C ASP A 248 35.92 -5.53 4.59
C ASP A 248 35.95 -5.53 4.60
N ILE A 249 35.99 -4.27 4.21
CA ILE A 249 34.83 -3.39 4.37
C ILE A 249 33.79 -3.70 3.30
N GLN A 250 34.23 -3.94 2.07
CA GLN A 250 33.31 -4.37 1.01
C GLN A 250 32.55 -5.61 1.44
N ARG A 251 33.26 -6.62 1.94
CA ARG A 251 32.58 -7.83 2.39
C ARG A 251 31.67 -7.56 3.58
N ALA A 252 32.04 -6.63 4.46
CA ALA A 252 31.18 -6.32 5.60
C ALA A 252 29.87 -5.72 5.12
N ILE A 253 29.93 -4.78 4.17
CA ILE A 253 28.72 -4.19 3.62
C ILE A 253 27.87 -5.26 2.94
N ASN A 254 28.50 -6.15 2.18
CA ASN A 254 27.74 -7.19 1.50
C ASN A 254 27.05 -8.11 2.50
N GLU A 255 27.69 -8.37 3.65
CA GLU A 255 27.04 -9.18 4.67
C GLU A 255 25.73 -8.56 5.12
N THR A 256 25.70 -7.23 5.23
CA THR A 256 24.49 -6.55 5.69
C THR A 256 23.38 -6.62 4.65
N HIS A 257 23.71 -6.92 3.40
CA HIS A 257 22.75 -7.01 2.32
C HIS A 257 22.22 -8.42 2.10
N GLN A 258 22.80 -9.42 2.77
CA GLN A 258 22.40 -10.80 2.53
C GLN A 258 21.17 -11.12 3.35
N GLY A 259 20.04 -11.34 2.68
CA GLY A 259 18.84 -11.78 3.38
C GLY A 259 19.05 -13.12 4.05
N ARG A 260 18.50 -13.27 5.25
CA ARG A 260 18.71 -14.47 6.06
C ARG A 260 17.48 -15.33 6.18
N TYR A 261 16.30 -14.72 6.25
CA TYR A 261 15.03 -15.43 6.27
C TYR A 261 13.97 -14.41 5.88
N GLN A 262 12.72 -14.87 5.80
CA GLN A 262 11.59 -14.00 5.48
C GLN A 262 10.52 -14.05 6.57
N VAL A 263 9.82 -12.94 6.71
CA VAL A 263 8.50 -12.90 7.32
C VAL A 263 7.57 -12.28 6.28
N ASN A 264 6.79 -13.13 5.62
CA ASN A 264 5.94 -12.74 4.49
C ASN A 264 6.80 -12.05 3.44
N THR A 265 6.50 -10.82 3.04
CA THR A 265 7.24 -10.12 1.99
C THR A 265 8.50 -9.44 2.47
N MET A 266 8.78 -9.46 3.77
CA MET A 266 9.99 -8.82 4.30
C MET A 266 11.11 -9.84 4.40
N TYR A 267 12.27 -9.48 3.89
CA TYR A 267 13.49 -10.26 4.08
C TYR A 267 14.32 -9.61 5.18
N GLN A 268 14.70 -10.38 6.19
CA GLN A 268 15.55 -9.85 7.24
C GLN A 268 16.99 -10.05 6.81
N ALA A 269 17.69 -8.94 6.47
CA ALA A 269 19.13 -8.98 6.28
C ALA A 269 19.81 -8.65 7.61
N LEU A 270 21.09 -8.31 7.61
N LEU A 270 21.10 -8.33 7.60
CA LEU A 270 21.78 -7.98 8.86
CA LEU A 270 21.79 -7.91 8.81
C LEU A 270 21.57 -6.48 9.10
C LEU A 270 21.51 -6.43 9.04
N GLY A 271 20.69 -6.13 10.05
CA GLY A 271 20.30 -4.75 10.28
C GLY A 271 19.25 -4.28 9.28
N TRP A 272 19.59 -4.29 8.00
CA TRP A 272 18.67 -3.82 6.97
C TRP A 272 17.49 -4.77 6.82
N GLU A 273 16.34 -4.19 6.52
CA GLU A 273 15.21 -4.93 5.96
C GLU A 273 15.31 -4.85 4.44
N GLU A 274 14.97 -5.94 3.77
CA GLU A 274 15.14 -6.10 2.34
C GLU A 274 13.83 -6.55 1.70
N PHE A 275 13.62 -6.11 0.46
CA PHE A 275 12.39 -6.37 -0.27
C PHE A 275 12.69 -6.54 -1.74
N SER A 276 11.89 -7.37 -2.40
CA SER A 276 11.91 -7.41 -3.86
C SER A 276 11.52 -6.05 -4.42
N TYR A 277 12.24 -5.61 -5.45
CA TYR A 277 11.96 -4.33 -6.08
C TYR A 277 11.51 -4.56 -7.52
N PRO A 278 10.46 -3.84 -7.98
CA PRO A 278 9.66 -2.84 -7.26
C PRO A 278 8.86 -3.44 -6.12
N ALA A 279 8.79 -2.73 -5.01
CA ALA A 279 7.98 -3.10 -3.87
C ALA A 279 6.69 -2.29 -3.90
N THR A 280 5.56 -2.93 -3.61
CA THR A 280 4.35 -2.15 -3.42
C THR A 280 4.48 -1.31 -2.14
N LEU A 281 3.74 -0.21 -2.10
CA LEU A 281 3.72 0.60 -0.89
C LEU A 281 3.29 -0.24 0.31
N GLN A 282 2.28 -1.10 0.12
CA GLN A 282 1.78 -1.87 1.25
C GLN A 282 2.82 -2.85 1.78
N THR A 283 3.65 -3.43 0.91
CA THR A 283 4.75 -4.27 1.39
C THR A 283 5.63 -3.49 2.36
N LEU A 284 5.98 -2.27 1.98
CA LEU A 284 6.86 -1.46 2.82
C LEU A 284 6.17 -1.05 4.12
N LEU A 285 4.88 -0.70 4.05
CA LEU A 285 4.14 -0.36 5.26
C LEU A 285 4.01 -1.57 6.19
N ASP A 286 3.78 -2.77 5.62
CA ASP A 286 3.65 -3.97 6.44
C ASP A 286 4.89 -4.22 7.28
N SER A 287 6.07 -3.89 6.76
CA SER A 287 7.30 -4.12 7.51
C SER A 287 7.31 -3.33 8.81
N ASN A 288 6.58 -2.21 8.87
N ASN A 288 6.55 -2.23 8.86
CA ASN A 288 6.54 -1.40 10.08
CA ASN A 288 6.46 -1.33 10.00
C ASN A 288 5.21 -1.53 10.82
C ASN A 288 5.27 -1.63 10.91
N SER A 289 4.40 -2.55 10.50
CA SER A 289 3.16 -2.80 11.21
C SER A 289 3.42 -3.30 12.63
N GLU A 290 2.41 -3.13 13.49
CA GLU A 290 2.51 -3.64 14.85
C GLU A 290 2.78 -5.15 14.85
N GLN A 291 2.15 -5.89 13.94
CA GLN A 291 2.35 -7.34 13.87
C GLN A 291 3.82 -7.67 13.67
N ILE A 292 4.50 -6.95 12.78
CA ILE A 292 5.88 -7.28 12.47
C ILE A 292 6.85 -6.70 13.51
N VAL A 293 6.64 -5.46 13.94
CA VAL A 293 7.61 -4.80 14.82
C VAL A 293 7.49 -5.29 16.26
N MET A 294 6.26 -5.46 16.74
CA MET A 294 6.03 -5.61 18.18
C MET A 294 5.70 -7.03 18.62
N LYS A 295 5.43 -7.95 17.70
CA LYS A 295 5.02 -9.29 18.06
C LYS A 295 6.00 -10.31 17.50
N PRO A 296 6.08 -11.49 18.12
CA PRO A 296 6.87 -12.57 17.51
C PRO A 296 6.16 -13.10 16.27
N ASN A 297 6.95 -13.46 15.26
CA ASN A 297 6.44 -14.07 14.05
C ASN A 297 7.33 -15.22 13.63
N LYS A 298 6.72 -16.33 13.22
CA LYS A 298 7.50 -17.44 12.69
C LYS A 298 8.21 -16.98 11.42
N VAL A 299 9.47 -17.40 11.28
CA VAL A 299 10.27 -17.07 10.10
C VAL A 299 10.23 -18.24 9.13
N THR A 300 10.43 -17.94 7.85
CA THR A 300 10.53 -18.96 6.81
C THR A 300 11.83 -18.74 6.05
N ALA A 301 12.34 -19.82 5.46
CA ALA A 301 13.50 -19.70 4.60
C ALA A 301 13.17 -18.85 3.39
N ILE A 302 14.20 -18.17 2.89
CA ILE A 302 14.08 -17.49 1.62
C ILE A 302 13.80 -18.51 0.52
N SER A 303 12.77 -18.24 -0.29
CA SER A 303 12.49 -19.02 -1.49
C SER A 303 12.91 -18.23 -2.72
N LYS A 304 12.22 -17.13 -3.02
CA LYS A 304 12.68 -16.22 -4.07
C LYS A 304 13.84 -15.40 -3.53
N GLU A 305 14.99 -15.56 -4.12
CA GLU A 305 16.13 -14.70 -3.80
C GLU A 305 16.10 -13.56 -4.82
N PRO A 306 15.66 -12.37 -4.43
CA PRO A 306 15.40 -11.32 -5.43
C PRO A 306 16.70 -10.76 -6.00
N SER A 307 16.84 -10.88 -7.33
CA SER A 307 17.96 -10.25 -8.02
C SER A 307 17.89 -8.74 -7.91
N VAL A 308 16.68 -8.19 -8.08
CA VAL A 308 16.43 -6.75 -8.02
C VAL A 308 15.73 -6.46 -6.71
N LYS A 309 16.34 -5.64 -5.87
CA LYS A 309 15.87 -5.52 -4.50
C LYS A 309 16.09 -4.11 -3.99
N MET A 310 15.52 -3.84 -2.82
CA MET A 310 15.71 -2.58 -2.12
C MET A 310 15.80 -2.87 -0.64
N TYR A 311 16.25 -1.87 0.12
CA TYR A 311 16.53 -2.02 1.54
C TYR A 311 16.05 -0.76 2.25
N HIS A 312 15.57 -0.91 3.47
CA HIS A 312 15.24 0.26 4.28
C HIS A 312 15.38 -0.04 5.76
N LYS A 313 15.33 1.03 6.55
CA LYS A 313 15.24 0.92 8.00
C LYS A 313 14.72 2.25 8.56
N THR A 314 13.78 2.16 9.48
CA THR A 314 13.35 3.30 10.27
C THR A 314 14.09 3.32 11.61
N GLY A 315 14.12 4.48 12.22
CA GLY A 315 14.62 4.58 13.58
C GLY A 315 14.03 5.79 14.25
N SER A 316 13.88 5.69 15.58
CA SER A 316 13.38 6.82 16.37
C SER A 316 14.06 6.80 17.73
N THR A 317 14.27 7.98 18.28
CA THR A 317 14.48 8.12 19.72
C THR A 317 13.31 8.94 20.25
N THR A 318 13.39 9.28 21.55
N THR A 318 13.33 9.25 21.54
CA THR A 318 12.35 10.08 22.20
CA THR A 318 12.21 10.04 22.06
C THR A 318 12.11 11.40 21.47
C THR A 318 12.03 11.32 21.26
N GLY A 319 13.13 11.95 20.83
CA GLY A 319 13.03 13.24 20.19
C GLY A 319 13.39 13.33 18.72
N PHE A 320 13.60 12.19 18.04
CA PHE A 320 14.12 12.20 16.68
C PHE A 320 13.47 11.11 15.84
N GLY A 321 13.40 11.35 14.54
CA GLY A 321 13.04 10.31 13.59
C GLY A 321 14.04 10.20 12.46
N THR A 322 14.16 8.98 11.93
CA THR A 322 15.09 8.66 10.85
C THR A 322 14.43 7.67 9.90
N TYR A 323 14.75 7.81 8.61
CA TYR A 323 14.40 6.77 7.64
C TYR A 323 15.50 6.76 6.60
N VAL A 324 15.98 5.57 6.25
CA VAL A 324 16.97 5.40 5.18
C VAL A 324 16.49 4.30 4.24
N VAL A 325 16.71 4.50 2.94
CA VAL A 325 16.23 3.55 1.93
C VAL A 325 17.17 3.64 0.73
N PHE A 326 17.46 2.49 0.12
CA PHE A 326 18.24 2.53 -1.12
C PHE A 326 17.86 1.39 -2.06
N ILE A 327 18.09 1.62 -3.35
CA ILE A 327 17.69 0.71 -4.42
C ILE A 327 18.90 0.53 -5.32
N PRO A 328 19.70 -0.53 -5.13
CA PRO A 328 20.96 -0.66 -5.85
C PRO A 328 20.88 -0.53 -7.36
N LYS A 329 19.97 -1.24 -8.02
CA LYS A 329 19.95 -1.26 -9.48
C LYS A 329 19.44 0.05 -10.07
N GLU A 330 18.77 0.87 -9.28
CA GLU A 330 18.41 2.22 -9.67
C GLU A 330 19.45 3.24 -9.25
N ASN A 331 20.50 2.81 -8.56
CA ASN A 331 21.59 3.71 -8.15
C ASN A 331 21.10 4.92 -7.36
N ILE A 332 20.15 4.69 -6.45
CA ILE A 332 19.45 5.78 -5.77
C ILE A 332 19.18 5.42 -4.33
N GLY A 333 19.14 6.43 -3.48
CA GLY A 333 18.78 6.26 -2.08
C GLY A 333 18.32 7.58 -1.51
N LEU A 334 17.71 7.49 -0.33
CA LEU A 334 17.16 8.67 0.34
C LEU A 334 17.35 8.51 1.85
N VAL A 335 17.61 9.65 2.50
N VAL A 335 17.57 9.63 2.54
CA VAL A 335 17.71 9.76 3.95
CA VAL A 335 17.67 9.64 4.00
C VAL A 335 16.76 10.86 4.42
C VAL A 335 16.93 10.84 4.55
N MET A 336 16.02 10.59 5.49
CA MET A 336 15.26 11.61 6.20
C MET A 336 15.66 11.62 7.66
N LEU A 337 15.95 12.81 8.18
CA LEU A 337 16.28 13.03 9.59
C LEU A 337 15.38 14.14 10.11
N THR A 338 14.71 13.91 11.24
CA THR A 338 13.90 14.93 11.89
C THR A 338 14.25 14.99 13.36
N ASN A 339 14.08 16.18 13.95
CA ASN A 339 14.24 16.33 15.39
C ASN A 339 12.89 16.36 16.11
N LYS A 340 11.94 15.58 15.59
CA LYS A 340 10.74 15.17 16.31
C LYS A 340 10.26 13.91 15.62
N ARG A 341 9.72 12.97 16.38
N ARG A 341 9.75 12.97 16.40
CA ARG A 341 9.22 11.74 15.78
CA ARG A 341 9.17 11.77 15.79
C ARG A 341 7.96 12.00 14.97
C ARG A 341 8.02 12.13 14.88
N ILE A 342 7.87 11.38 13.80
CA ILE A 342 6.65 11.37 13.01
C ILE A 342 6.33 9.93 12.68
N PRO A 343 5.08 9.62 12.37
CA PRO A 343 4.70 8.22 12.14
C PRO A 343 5.56 7.58 11.05
N ASN A 344 5.98 6.34 11.31
CA ASN A 344 6.80 5.63 10.34
C ASN A 344 6.12 5.55 8.98
N GLU A 345 4.80 5.32 8.95
CA GLU A 345 4.11 5.23 7.66
C GLU A 345 4.27 6.51 6.85
N GLU A 346 4.30 7.69 7.52
CA GLU A 346 4.49 8.94 6.79
C GLU A 346 5.88 9.02 6.17
N ARG A 347 6.90 8.55 6.89
CA ARG A 347 8.25 8.55 6.35
C ARG A 347 8.34 7.66 5.12
N ILE A 348 7.77 6.46 5.24
CA ILE A 348 7.82 5.47 4.15
C ILE A 348 7.05 5.99 2.94
N LYS A 349 5.86 6.54 3.15
CA LYS A 349 5.04 7.03 2.04
C LYS A 349 5.74 8.19 1.30
N ALA A 350 6.28 9.14 2.06
CA ALA A 350 6.90 10.30 1.43
C ALA A 350 8.12 9.90 0.61
N ALA A 351 8.95 8.99 1.15
CA ALA A 351 10.11 8.52 0.41
C ALA A 351 9.69 7.76 -0.83
N TYR A 352 8.65 6.94 -0.73
CA TYR A 352 8.16 6.17 -1.86
C TYR A 352 7.72 7.10 -2.99
N ALA A 353 6.97 8.14 -2.64
CA ALA A 353 6.51 9.10 -3.64
C ALA A 353 7.68 9.81 -4.31
N VAL A 354 8.67 10.26 -3.52
CA VAL A 354 9.82 10.94 -4.11
C VAL A 354 10.59 9.99 -5.02
N LEU A 355 10.95 8.82 -4.51
CA LEU A 355 11.83 7.94 -5.27
C LEU A 355 11.19 7.47 -6.57
N ASN A 356 9.87 7.24 -6.54
CA ASN A 356 9.19 6.77 -7.74
C ASN A 356 8.99 7.87 -8.77
N ALA A 357 9.03 9.14 -8.35
CA ALA A 357 8.78 10.24 -9.25
C ALA A 357 10.04 10.84 -9.86
N ILE A 358 11.21 10.59 -9.26
CA ILE A 358 12.44 11.17 -9.79
C ILE A 358 12.73 10.57 -11.16
N LYS A 359 13.06 11.42 -12.12
CA LYS A 359 13.33 10.93 -13.48
C LYS A 359 14.65 10.17 -13.51
N LYS A 360 14.70 9.14 -14.35
CA LYS A 360 15.82 8.20 -14.40
C LYS A 360 16.85 8.60 -15.44
N THR B 3 -32.24 -27.10 1.88
CA THR B 3 -30.91 -27.70 2.03
C THR B 3 -30.35 -28.48 0.82
N PRO B 4 -31.20 -29.14 0.01
CA PRO B 4 -30.66 -29.71 -1.24
C PRO B 4 -30.14 -28.64 -2.18
N LYS B 5 -30.84 -27.51 -2.29
CA LYS B 5 -30.33 -26.40 -3.10
C LYS B 5 -28.99 -25.91 -2.61
N ASP B 6 -28.80 -25.85 -1.28
CA ASP B 6 -27.53 -25.41 -0.72
C ASP B 6 -26.38 -26.26 -1.24
N GLN B 7 -26.54 -27.58 -1.23
CA GLN B 7 -25.44 -28.46 -1.63
C GLN B 7 -25.24 -28.47 -3.14
N GLU B 8 -26.34 -28.44 -3.91
CA GLU B 8 -26.23 -28.37 -5.36
C GLU B 8 -25.40 -27.17 -5.79
N ILE B 9 -25.73 -25.99 -5.24
CA ILE B 9 -25.04 -24.77 -5.65
C ILE B 9 -23.61 -24.75 -5.13
N LYS B 10 -23.40 -25.18 -3.89
CA LYS B 10 -22.03 -25.27 -3.38
C LYS B 10 -21.17 -26.14 -4.28
N LYS B 11 -21.72 -27.25 -4.77
CA LYS B 11 -20.98 -28.15 -5.64
C LYS B 11 -20.66 -27.48 -6.98
N LEU B 12 -21.64 -26.81 -7.58
CA LEU B 12 -21.41 -26.15 -8.87
C LEU B 12 -20.35 -25.06 -8.76
N VAL B 13 -20.38 -24.28 -7.67
CA VAL B 13 -19.40 -23.23 -7.50
C VAL B 13 -18.02 -23.80 -7.18
N ASP B 14 -17.98 -24.83 -6.32
CA ASP B 14 -16.73 -25.55 -6.08
C ASP B 14 -16.15 -26.09 -7.38
N GLN B 15 -17.00 -26.61 -8.26
CA GLN B 15 -16.49 -27.24 -9.48
C GLN B 15 -15.95 -26.20 -10.45
N ASN B 16 -16.57 -25.02 -10.51
CA ASN B 16 -16.26 -24.04 -11.54
C ASN B 16 -15.38 -22.90 -11.07
N PHE B 17 -15.48 -22.49 -9.80
CA PHE B 17 -14.70 -21.37 -9.30
C PHE B 17 -13.52 -21.78 -8.45
N LYS B 18 -13.66 -22.81 -7.63
CA LYS B 18 -12.56 -23.19 -6.74
C LYS B 18 -11.25 -23.48 -7.48
N PRO B 19 -11.23 -24.16 -8.63
CA PRO B 19 -9.94 -24.40 -9.31
C PRO B 19 -9.23 -23.13 -9.74
N LEU B 20 -9.95 -22.01 -9.88
CA LEU B 20 -9.30 -20.76 -10.28
C LEU B 20 -8.34 -20.26 -9.20
N LEU B 21 -8.61 -20.57 -7.93
CA LEU B 21 -7.70 -20.12 -6.88
C LEU B 21 -6.32 -20.76 -7.04
N GLU B 22 -6.27 -22.06 -7.29
CA GLU B 22 -4.99 -22.70 -7.54
C GLU B 22 -4.39 -22.25 -8.86
N LYS B 23 -5.22 -22.15 -9.91
CA LYS B 23 -4.71 -21.84 -11.24
C LYS B 23 -4.03 -20.48 -11.29
N TYR B 24 -4.59 -19.49 -10.59
CA TYR B 24 -4.04 -18.13 -10.61
C TYR B 24 -3.40 -17.72 -9.30
N ASP B 25 -3.24 -18.65 -8.36
CA ASP B 25 -2.61 -18.35 -7.08
C ASP B 25 -3.32 -17.20 -6.36
N VAL B 26 -4.65 -17.30 -6.28
CA VAL B 26 -5.49 -16.26 -5.69
C VAL B 26 -5.58 -16.55 -4.20
N PRO B 27 -5.22 -15.61 -3.32
CA PRO B 27 -5.33 -15.90 -1.88
C PRO B 27 -6.76 -16.14 -1.41
N GLY B 28 -7.71 -15.35 -1.87
CA GLY B 28 -9.06 -15.43 -1.32
C GLY B 28 -10.12 -15.10 -2.35
N MET B 29 -11.30 -15.69 -2.15
CA MET B 29 -12.40 -15.50 -3.08
C MET B 29 -13.73 -15.66 -2.35
N ALA B 30 -14.72 -14.90 -2.81
CA ALA B 30 -16.10 -15.03 -2.36
C ALA B 30 -16.98 -15.11 -3.60
N VAL B 31 -17.81 -16.15 -3.66
CA VAL B 31 -18.76 -16.32 -4.75
C VAL B 31 -20.15 -16.48 -4.17
N GLY B 32 -21.09 -15.69 -4.66
CA GLY B 32 -22.47 -15.74 -4.21
C GLY B 32 -23.41 -15.97 -5.37
N VAL B 33 -24.45 -16.75 -5.12
CA VAL B 33 -25.54 -16.94 -6.08
C VAL B 33 -26.83 -16.56 -5.39
N ILE B 34 -27.71 -15.87 -6.12
CA ILE B 34 -29.07 -15.63 -5.68
C ILE B 34 -30.03 -16.23 -6.68
N GLN B 35 -30.99 -17.01 -6.20
CA GLN B 35 -31.99 -17.62 -7.06
C GLN B 35 -33.31 -17.63 -6.31
N ASN B 36 -34.33 -17.00 -6.90
CA ASN B 36 -35.68 -17.02 -6.34
C ASN B 36 -35.69 -16.52 -4.91
N ASN B 37 -35.00 -15.40 -4.69
CA ASN B 37 -34.93 -14.69 -3.41
C ASN B 37 -34.14 -15.43 -2.32
N LYS B 38 -33.47 -16.53 -2.67
CA LYS B 38 -32.60 -17.24 -1.74
C LYS B 38 -31.15 -17.01 -2.12
N LYS B 39 -30.30 -16.80 -1.10
CA LYS B 39 -28.90 -16.47 -1.28
C LYS B 39 -28.02 -17.62 -0.82
N TYR B 40 -26.90 -17.79 -1.52
CA TYR B 40 -25.94 -18.85 -1.26
C TYR B 40 -24.54 -18.25 -1.33
N GLU B 41 -23.77 -18.40 -0.26
CA GLU B 41 -22.48 -17.74 -0.09
C GLU B 41 -21.38 -18.78 0.08
N MET B 42 -20.35 -18.70 -0.75
CA MET B 42 -19.20 -19.59 -0.70
C MET B 42 -17.94 -18.77 -0.52
N TYR B 43 -17.14 -19.11 0.47
CA TYR B 43 -15.93 -18.37 0.82
C TYR B 43 -14.73 -19.31 0.76
N TYR B 44 -13.64 -18.81 0.18
CA TYR B 44 -12.43 -19.58 -0.04
C TYR B 44 -11.22 -18.78 0.37
N GLY B 45 -10.29 -19.43 1.08
CA GLY B 45 -8.97 -18.84 1.23
C GLY B 45 -8.91 -17.67 2.20
N LEU B 46 -7.96 -16.76 1.94
CA LEU B 46 -7.55 -15.76 2.90
C LEU B 46 -7.87 -14.35 2.41
N GLN B 47 -8.46 -13.56 3.31
CA GLN B 47 -8.65 -12.12 3.15
C GLN B 47 -7.32 -11.38 3.29
N SER B 48 -6.45 -11.85 4.18
CA SER B 48 -5.14 -11.25 4.42
C SER B 48 -4.16 -12.37 4.73
N VAL B 49 -3.05 -12.37 3.99
CA VAL B 49 -1.97 -13.31 4.24
C VAL B 49 -1.25 -12.99 5.53
N GLN B 50 -0.80 -11.74 5.69
CA GLN B 50 -0.07 -11.38 6.91
C GLN B 50 -0.89 -11.69 8.16
N ASP B 51 -2.17 -11.36 8.13
CA ASP B 51 -3.00 -11.48 9.32
C ASP B 51 -3.70 -12.81 9.41
N LYS B 52 -3.49 -13.68 8.42
CA LYS B 52 -3.97 -15.06 8.48
C LYS B 52 -5.48 -15.13 8.68
N LYS B 53 -6.21 -14.25 8.00
CA LYS B 53 -7.66 -14.14 8.16
C LYS B 53 -8.35 -14.81 6.99
N ALA B 54 -9.26 -15.73 7.30
CA ALA B 54 -10.09 -16.37 6.27
C ALA B 54 -11.09 -15.38 5.71
N VAL B 55 -11.32 -15.45 4.39
CA VAL B 55 -12.45 -14.74 3.78
C VAL B 55 -13.73 -15.22 4.43
N ASN B 56 -14.61 -14.27 4.73
CA ASN B 56 -15.88 -14.58 5.40
C ASN B 56 -16.91 -13.53 4.97
N SER B 57 -18.11 -13.62 5.58
CA SER B 57 -19.21 -12.75 5.20
C SER B 57 -18.97 -11.28 5.53
N SER B 58 -17.99 -10.97 6.36
CA SER B 58 -17.64 -9.57 6.65
C SER B 58 -16.53 -9.03 5.75
N THR B 59 -15.91 -9.87 4.91
CA THR B 59 -14.76 -9.41 4.15
C THR B 59 -15.15 -8.38 3.12
N ILE B 60 -14.44 -7.26 3.12
CA ILE B 60 -14.66 -6.13 2.22
C ILE B 60 -13.65 -6.21 1.08
N PHE B 61 -14.14 -6.16 -0.16
CA PHE B 61 -13.33 -6.24 -1.37
C PHE B 61 -13.48 -4.96 -2.20
N GLU B 62 -12.44 -4.61 -2.95
CA GLU B 62 -12.54 -3.50 -3.89
C GLU B 62 -13.25 -3.94 -5.16
N LEU B 63 -14.21 -3.14 -5.63
CA LEU B 63 -15.05 -3.50 -6.76
C LEU B 63 -14.55 -2.98 -8.10
N GLY B 64 -13.57 -2.07 -8.11
CA GLY B 64 -13.11 -1.51 -9.38
C GLY B 64 -14.25 -0.90 -10.18
N SER B 65 -14.28 -1.18 -11.48
CA SER B 65 -15.29 -0.58 -12.34
C SER B 65 -16.72 -0.99 -11.98
N VAL B 66 -16.92 -2.05 -11.20
CA VAL B 66 -18.28 -2.36 -10.75
C VAL B 66 -18.83 -1.23 -9.89
N SER B 67 -17.95 -0.38 -9.33
CA SER B 67 -18.39 0.86 -8.67
C SER B 67 -19.29 1.70 -9.56
N LYS B 68 -19.06 1.67 -10.88
CA LYS B 68 -19.84 2.45 -11.83
C LYS B 68 -21.32 2.08 -11.81
N LEU B 69 -21.65 0.87 -11.37
CA LEU B 69 -23.07 0.50 -11.25
C LEU B 69 -23.74 1.30 -10.14
N PHE B 70 -23.00 1.61 -9.08
CA PHE B 70 -23.55 2.45 -8.01
C PHE B 70 -23.64 3.90 -8.44
N THR B 71 -22.65 4.39 -9.20
CA THR B 71 -22.76 5.74 -9.76
C THR B 71 -23.96 5.85 -10.67
N ALA B 72 -24.18 4.85 -11.51
CA ALA B 72 -25.36 4.84 -12.37
C ALA B 72 -26.64 4.85 -11.55
N THR B 73 -26.71 4.02 -10.49
CA THR B 73 -27.89 4.01 -9.64
C THR B 73 -28.11 5.37 -9.00
N ALA B 74 -27.03 6.02 -8.55
CA ALA B 74 -27.17 7.36 -7.98
C ALA B 74 -27.70 8.35 -9.01
N GLY B 75 -27.24 8.25 -10.26
CA GLY B 75 -27.77 9.13 -11.29
C GLY B 75 -29.24 8.86 -11.58
N GLY B 76 -29.62 7.58 -11.61
CA GLY B 76 -31.02 7.25 -11.79
C GLY B 76 -31.88 7.78 -10.66
N TYR B 77 -31.35 7.73 -9.44
CA TYR B 77 -32.04 8.25 -8.26
C TYR B 77 -32.24 9.76 -8.37
N ALA B 78 -31.19 10.49 -8.73
CA ALA B 78 -31.29 11.94 -8.83
C ALA B 78 -32.22 12.35 -9.96
N LYS B 79 -32.16 11.65 -11.09
N LYS B 79 -32.16 11.65 -11.09
CA LYS B 79 -33.01 11.98 -12.23
CA LYS B 79 -33.02 11.99 -12.22
C LYS B 79 -34.48 11.81 -11.87
C LYS B 79 -34.48 11.82 -11.87
N ASN B 80 -34.83 10.67 -11.28
CA ASN B 80 -36.23 10.39 -10.98
C ASN B 80 -36.78 11.19 -9.81
N LYS B 81 -35.92 11.82 -9.02
CA LYS B 81 -36.38 12.80 -8.03
C LYS B 81 -36.40 14.22 -8.58
N GLY B 82 -36.09 14.41 -9.85
CA GLY B 82 -36.13 15.72 -10.44
C GLY B 82 -34.95 16.60 -10.11
N LYS B 83 -33.89 16.04 -9.55
CA LYS B 83 -32.68 16.81 -9.23
C LYS B 83 -31.84 17.07 -10.47
N ILE B 84 -31.87 16.17 -11.46
CA ILE B 84 -31.25 16.37 -12.76
C ILE B 84 -32.19 15.83 -13.83
N SER B 85 -31.94 16.29 -15.06
CA SER B 85 -32.39 15.63 -16.27
C SER B 85 -31.16 15.11 -16.98
N PHE B 86 -31.29 13.94 -17.62
CA PHE B 86 -30.15 13.44 -18.41
C PHE B 86 -29.89 14.30 -19.64
N ASP B 87 -30.79 15.22 -19.98
CA ASP B 87 -30.57 16.18 -21.05
C ASP B 87 -29.83 17.42 -20.58
N ASP B 88 -29.59 17.57 -19.28
CA ASP B 88 -28.80 18.67 -18.78
C ASP B 88 -27.33 18.48 -19.15
N THR B 89 -26.57 19.56 -19.03
CA THR B 89 -25.14 19.56 -19.29
C THR B 89 -24.41 19.92 -18.01
N PRO B 90 -23.12 19.58 -17.89
CA PRO B 90 -22.46 19.67 -16.57
C PRO B 90 -22.36 21.08 -16.01
N GLY B 91 -22.26 22.10 -16.86
CA GLY B 91 -22.15 23.47 -16.37
C GLY B 91 -23.39 24.01 -15.72
N LYS B 92 -24.53 23.31 -15.84
CA LYS B 92 -25.71 23.70 -15.09
C LYS B 92 -25.51 23.50 -13.59
N TYR B 93 -24.61 22.60 -13.21
CA TYR B 93 -24.38 22.24 -11.82
C TYR B 93 -22.99 22.61 -11.33
N TRP B 94 -21.96 22.38 -12.13
CA TRP B 94 -20.60 22.83 -11.83
C TRP B 94 -20.43 24.13 -12.60
N LYS B 95 -20.68 25.26 -11.92
CA LYS B 95 -20.86 26.53 -12.63
C LYS B 95 -19.61 26.96 -13.36
N GLU B 96 -18.43 26.55 -12.88
CA GLU B 96 -17.18 26.91 -13.56
C GLU B 96 -17.08 26.30 -14.95
N LEU B 97 -17.91 25.33 -15.29
CA LEU B 97 -17.93 24.75 -16.63
C LEU B 97 -18.99 25.37 -17.54
N LYS B 98 -19.77 26.34 -17.03
CA LYS B 98 -20.83 26.93 -17.83
C LYS B 98 -20.25 27.54 -19.10
N ASN B 99 -20.84 27.19 -20.24
CA ASN B 99 -20.51 27.76 -21.54
C ASN B 99 -19.14 27.36 -22.06
N THR B 100 -18.47 26.40 -21.44
CA THR B 100 -17.26 25.82 -21.99
C THR B 100 -17.63 24.73 -22.99
N PRO B 101 -16.68 24.27 -23.82
CA PRO B 101 -17.02 23.20 -24.77
C PRO B 101 -17.61 21.95 -24.14
N ILE B 102 -17.11 21.52 -22.97
CA ILE B 102 -17.66 20.32 -22.34
C ILE B 102 -19.11 20.51 -21.94
N ASP B 103 -19.56 21.77 -21.78
CA ASP B 103 -20.95 22.08 -21.45
C ASP B 103 -21.90 21.86 -22.63
N GLN B 104 -21.40 21.35 -23.77
CA GLN B 104 -22.22 20.89 -24.87
C GLN B 104 -22.50 19.39 -24.81
N VAL B 105 -21.86 18.67 -23.89
CA VAL B 105 -22.08 17.25 -23.71
C VAL B 105 -23.13 17.07 -22.62
N ASN B 106 -24.12 16.23 -22.85
CA ASN B 106 -25.16 16.06 -21.85
C ASN B 106 -24.80 14.95 -20.86
N LEU B 107 -25.59 14.85 -19.77
CA LEU B 107 -25.21 13.95 -18.69
C LEU B 107 -25.30 12.49 -19.11
N LEU B 108 -26.30 12.13 -19.95
CA LEU B 108 -26.36 10.77 -20.45
C LEU B 108 -25.13 10.41 -21.28
N GLN B 109 -24.66 11.35 -22.11
CA GLN B 109 -23.44 11.11 -22.91
C GLN B 109 -22.22 10.94 -22.02
N LEU B 110 -22.13 11.71 -20.93
CA LEU B 110 -21.02 11.50 -20.01
C LEU B 110 -21.11 10.13 -19.33
N ALA B 111 -22.31 9.76 -18.88
CA ALA B 111 -22.47 8.51 -18.15
C ALA B 111 -22.23 7.29 -19.04
N THR B 112 -22.48 7.40 -20.34
CA THR B 112 -22.36 6.29 -21.27
C THR B 112 -21.19 6.47 -22.25
N TYR B 113 -20.27 7.38 -21.93
CA TYR B 113 -18.93 7.39 -22.53
C TYR B 113 -18.91 7.87 -23.98
N THR B 114 -19.80 8.79 -24.37
CA THR B 114 -19.86 9.22 -25.77
C THR B 114 -19.51 10.69 -26.00
N SER B 115 -18.75 11.32 -25.08
CA SER B 115 -18.36 12.71 -25.29
C SER B 115 -17.53 12.91 -26.55
N GLY B 116 -16.83 11.88 -27.02
CA GLY B 116 -16.01 11.98 -28.21
C GLY B 116 -14.58 12.40 -27.96
N ASN B 117 -14.21 12.68 -26.71
CA ASN B 117 -12.83 13.03 -26.42
C ASN B 117 -12.49 12.83 -24.95
N LEU B 118 -12.78 11.65 -24.41
CA LEU B 118 -12.35 11.32 -23.06
C LEU B 118 -11.82 9.89 -23.08
N ALA B 119 -10.56 9.71 -22.67
CA ALA B 119 -9.89 8.43 -22.71
C ALA B 119 -10.19 7.61 -21.46
N LEU B 120 -9.58 6.42 -21.38
CA LEU B 120 -9.82 5.53 -20.26
C LEU B 120 -9.50 6.20 -18.93
N GLN B 121 -8.38 6.91 -18.86
CA GLN B 121 -7.95 7.59 -17.65
C GLN B 121 -7.74 9.07 -17.95
N PHE B 122 -7.76 9.87 -16.88
CA PHE B 122 -7.25 11.23 -16.94
C PHE B 122 -5.78 11.19 -17.36
N PRO B 123 -5.26 12.29 -17.92
CA PRO B 123 -3.81 12.38 -18.10
C PRO B 123 -3.09 12.21 -16.77
N ASP B 124 -1.87 11.67 -16.84
CA ASP B 124 -1.10 11.37 -15.63
C ASP B 124 -0.96 12.60 -14.73
N GLU B 125 -0.82 13.78 -15.33
CA GLU B 125 -0.54 15.00 -14.57
C GLU B 125 -1.79 15.63 -13.95
N VAL B 126 -2.98 15.09 -14.20
CA VAL B 126 -4.20 15.61 -13.62
C VAL B 126 -4.44 14.90 -12.30
N LYS B 127 -4.23 15.60 -11.18
CA LYS B 127 -4.30 15.01 -9.86
C LYS B 127 -5.18 15.81 -8.90
N THR B 128 -4.91 17.10 -8.76
CA THR B 128 -5.62 17.90 -7.77
C THR B 128 -7.00 18.32 -8.28
N ASP B 129 -7.84 18.76 -7.33
CA ASP B 129 -9.14 19.31 -7.69
C ASP B 129 -9.01 20.43 -8.70
N GLN B 130 -8.07 21.35 -8.48
CA GLN B 130 -7.86 22.45 -9.42
C GLN B 130 -7.42 21.94 -10.78
N GLN B 131 -6.57 20.91 -10.82
CA GLN B 131 -6.13 20.35 -12.09
C GLN B 131 -7.28 19.67 -12.82
N VAL B 132 -8.16 18.99 -12.07
CA VAL B 132 -9.35 18.41 -12.68
C VAL B 132 -10.23 19.49 -13.28
N LEU B 133 -10.44 20.58 -12.54
CA LEU B 133 -11.23 21.68 -13.06
C LEU B 133 -10.61 22.26 -14.32
N THR B 134 -9.30 22.52 -14.29
CA THR B 134 -8.63 23.07 -15.46
C THR B 134 -8.73 22.12 -16.65
N PHE B 135 -8.60 20.82 -16.40
CA PHE B 135 -8.73 19.84 -17.47
C PHE B 135 -10.09 19.96 -18.17
N PHE B 136 -11.17 20.04 -17.39
CA PHE B 136 -12.48 20.13 -18.01
C PHE B 136 -12.75 21.49 -18.65
N LYS B 137 -12.24 22.58 -18.06
CA LYS B 137 -12.40 23.88 -18.69
C LYS B 137 -11.64 23.98 -20.01
N ASP B 138 -10.50 23.30 -20.12
CA ASP B 138 -9.67 23.36 -21.32
C ASP B 138 -10.07 22.33 -22.37
N TRP B 139 -10.99 21.43 -22.03
CA TRP B 139 -11.39 20.35 -22.93
C TRP B 139 -12.02 20.93 -24.20
N LYS B 140 -11.71 20.29 -25.32
CA LYS B 140 -12.34 20.63 -26.58
C LYS B 140 -12.81 19.34 -27.25
N PRO B 141 -13.86 19.41 -28.07
CA PRO B 141 -14.38 18.20 -28.71
C PRO B 141 -13.40 17.65 -29.74
N LYS B 142 -13.55 16.35 -30.00
CA LYS B 142 -12.77 15.68 -31.04
C LYS B 142 -13.73 14.89 -31.94
N ASN B 143 -14.07 13.67 -31.56
CA ASN B 143 -15.05 12.93 -32.35
C ASN B 143 -16.44 13.54 -32.13
N SER B 144 -17.30 13.40 -33.13
N SER B 144 -17.31 13.39 -33.12
CA SER B 144 -18.66 13.95 -33.05
CA SER B 144 -18.64 13.97 -33.05
C SER B 144 -19.35 13.51 -31.77
C SER B 144 -19.36 13.51 -31.77
N ILE B 145 -19.84 14.49 -30.99
CA ILE B 145 -20.42 14.20 -29.69
C ILE B 145 -21.59 13.23 -29.82
N GLY B 146 -21.57 12.20 -28.99
CA GLY B 146 -22.63 11.21 -28.95
C GLY B 146 -22.44 10.05 -29.90
N GLU B 147 -21.52 10.13 -30.86
CA GLU B 147 -21.43 9.14 -31.91
C GLU B 147 -20.46 8.00 -31.59
N TYR B 148 -19.49 8.21 -30.70
CA TYR B 148 -18.46 7.20 -30.43
C TYR B 148 -18.39 6.89 -28.94
N ARG B 149 -18.45 5.60 -28.62
CA ARG B 149 -18.25 5.14 -27.24
C ARG B 149 -16.77 4.88 -27.02
N GLN B 150 -16.21 5.51 -26.00
CA GLN B 150 -14.87 5.18 -25.51
C GLN B 150 -14.98 5.08 -24.01
N TYR B 151 -14.94 3.85 -23.50
CA TYR B 151 -15.08 3.61 -22.07
C TYR B 151 -14.08 4.45 -21.29
N SER B 152 -14.57 5.17 -20.27
CA SER B 152 -13.80 6.30 -19.74
C SER B 152 -14.11 6.58 -18.28
N ASN B 153 -13.07 6.54 -17.44
CA ASN B 153 -13.18 6.97 -16.05
C ASN B 153 -13.48 8.45 -15.90
N PRO B 154 -12.77 9.38 -16.55
CA PRO B 154 -13.13 10.80 -16.38
C PRO B 154 -14.55 11.12 -16.81
N SER B 155 -15.06 10.42 -17.83
CA SER B 155 -16.41 10.69 -18.33
C SER B 155 -17.46 10.38 -17.26
N ILE B 156 -17.47 9.14 -16.76
CA ILE B 156 -18.46 8.83 -15.74
C ILE B 156 -18.11 9.46 -14.41
N GLY B 157 -16.83 9.77 -14.18
CA GLY B 157 -16.45 10.52 -13.00
C GLY B 157 -17.09 11.90 -12.96
N LEU B 158 -17.05 12.61 -14.10
CA LEU B 158 -17.71 13.91 -14.18
C LEU B 158 -19.23 13.77 -13.97
N PHE B 159 -19.83 12.73 -14.57
CA PHE B 159 -21.24 12.45 -14.32
C PHE B 159 -21.52 12.31 -12.83
N GLY B 160 -20.69 11.53 -12.13
CA GLY B 160 -20.92 11.33 -10.70
C GLY B 160 -20.77 12.61 -9.91
N LYS B 161 -19.77 13.43 -10.24
CA LYS B 161 -19.59 14.71 -9.56
C LYS B 161 -20.81 15.60 -9.75
N VAL B 162 -21.36 15.62 -10.97
CA VAL B 162 -22.55 16.42 -11.23
C VAL B 162 -23.74 15.89 -10.46
N VAL B 163 -23.91 14.57 -10.41
CA VAL B 163 -25.01 13.99 -9.65
C VAL B 163 -24.92 14.42 -8.19
N ALA B 164 -23.73 14.37 -7.61
CA ALA B 164 -23.54 14.80 -6.23
C ALA B 164 -23.88 16.28 -6.05
N LEU B 165 -23.40 17.13 -6.97
CA LEU B 165 -23.74 18.54 -6.91
C LEU B 165 -25.25 18.75 -6.91
N SER B 166 -25.97 17.99 -7.76
CA SER B 166 -27.41 18.14 -7.84
C SER B 166 -28.12 17.74 -6.55
N MET B 167 -27.49 16.91 -5.73
CA MET B 167 -28.04 16.45 -4.46
C MET B 167 -27.47 17.20 -3.26
N ASN B 168 -26.63 18.21 -3.51
CA ASN B 168 -26.05 19.06 -2.46
C ASN B 168 -25.35 18.25 -1.37
N LYS B 169 -24.60 17.23 -1.79
CA LYS B 169 -23.79 16.41 -0.91
C LYS B 169 -22.57 15.96 -1.68
N PRO B 170 -21.43 15.74 -1.03
CA PRO B 170 -20.30 15.14 -1.74
C PRO B 170 -20.65 13.72 -2.15
N PHE B 171 -19.98 13.26 -3.21
CA PHE B 171 -20.35 11.97 -3.80
C PHE B 171 -20.26 10.83 -2.80
N ASP B 172 -19.23 10.83 -1.95
CA ASP B 172 -19.11 9.76 -0.96
C ASP B 172 -20.35 9.67 -0.08
N GLN B 173 -20.94 10.82 0.26
CA GLN B 173 -22.15 10.83 1.08
C GLN B 173 -23.39 10.47 0.26
N VAL B 174 -23.43 10.81 -1.03
CA VAL B 174 -24.52 10.34 -1.87
C VAL B 174 -24.65 8.84 -1.75
N LEU B 175 -23.52 8.13 -1.85
CA LEU B 175 -23.57 6.67 -1.76
C LEU B 175 -23.78 6.23 -0.32
N GLU B 176 -22.97 6.74 0.60
CA GLU B 176 -22.99 6.17 1.95
C GLU B 176 -24.21 6.57 2.76
N LYS B 177 -24.80 7.75 2.51
CA LYS B 177 -25.95 8.20 3.28
C LYS B 177 -27.28 7.98 2.57
N THR B 178 -27.30 7.94 1.24
CA THR B 178 -28.56 7.86 0.50
C THR B 178 -28.72 6.54 -0.26
N ILE B 179 -27.80 6.21 -1.16
CA ILE B 179 -27.98 5.09 -2.07
C ILE B 179 -27.78 3.74 -1.36
N PHE B 180 -26.64 3.55 -0.69
CA PHE B 180 -26.41 2.28 0.01
C PHE B 180 -27.51 1.98 1.01
N PRO B 181 -27.94 2.91 1.86
CA PRO B 181 -29.06 2.59 2.76
C PRO B 181 -30.35 2.27 2.03
N ALA B 182 -30.66 2.97 0.93
CA ALA B 182 -31.88 2.67 0.19
C ALA B 182 -31.86 1.27 -0.41
N LEU B 183 -30.67 0.76 -0.74
CA LEU B 183 -30.52 -0.59 -1.25
C LEU B 183 -30.41 -1.65 -0.15
N GLY B 184 -30.43 -1.25 1.12
CA GLY B 184 -30.32 -2.20 2.22
C GLY B 184 -28.92 -2.71 2.47
N LEU B 185 -27.90 -2.00 2.00
CA LEU B 185 -26.52 -2.44 2.17
C LEU B 185 -26.01 -1.99 3.53
N LYS B 186 -25.19 -2.83 4.15
CA LYS B 186 -24.74 -2.56 5.51
C LYS B 186 -23.24 -2.33 5.63
N HIS B 187 -22.43 -2.83 4.70
CA HIS B 187 -20.99 -2.73 4.80
C HIS B 187 -20.40 -2.44 3.44
N SER B 188 -21.00 -1.49 2.74
CA SER B 188 -20.48 -0.96 1.48
C SER B 188 -20.00 0.46 1.71
N TYR B 189 -18.84 0.81 1.13
CA TYR B 189 -18.15 2.05 1.47
C TYR B 189 -17.47 2.65 0.25
N VAL B 190 -17.45 3.98 0.22
CA VAL B 190 -16.45 4.69 -0.55
C VAL B 190 -15.16 4.82 0.26
N ASN B 191 -15.29 5.16 1.54
CA ASN B 191 -14.16 5.24 2.47
C ASN B 191 -14.40 4.24 3.60
N VAL B 192 -13.51 3.27 3.73
CA VAL B 192 -13.67 2.24 4.76
C VAL B 192 -13.33 2.86 6.12
N PRO B 193 -14.25 2.83 7.08
CA PRO B 193 -13.97 3.46 8.38
C PRO B 193 -13.00 2.63 9.21
N LYS B 194 -12.42 3.28 10.21
CA LYS B 194 -11.40 2.63 11.02
C LYS B 194 -11.92 1.33 11.64
N THR B 195 -13.18 1.32 12.07
CA THR B 195 -13.73 0.12 12.70
C THR B 195 -13.92 -1.05 11.73
N GLN B 196 -13.82 -0.81 10.43
CA GLN B 196 -13.95 -1.88 9.44
C GLN B 196 -12.64 -2.23 8.75
N MET B 197 -11.54 -1.55 9.07
CA MET B 197 -10.26 -1.88 8.45
C MET B 197 -9.88 -3.33 8.70
N GLN B 198 -10.26 -3.87 9.86
CA GLN B 198 -9.96 -5.27 10.17
C GLN B 198 -10.67 -6.24 9.22
N ASN B 199 -11.71 -5.78 8.52
CA ASN B 199 -12.45 -6.61 7.57
C ASN B 199 -12.10 -6.31 6.12
N TYR B 200 -11.23 -5.34 5.87
CA TYR B 200 -10.91 -4.91 4.51
C TYR B 200 -9.79 -5.81 4.01
N ALA B 201 -10.10 -6.63 3.02
CA ALA B 201 -9.07 -7.49 2.44
C ALA B 201 -7.92 -6.66 1.88
N PHE B 202 -6.73 -7.25 1.88
CA PHE B 202 -5.65 -6.76 1.03
C PHE B 202 -5.81 -7.40 -0.32
N GLY B 203 -5.50 -6.64 -1.36
CA GLY B 203 -5.32 -7.21 -2.67
C GLY B 203 -3.90 -7.72 -2.83
N TYR B 204 -3.69 -8.53 -3.88
CA TYR B 204 -2.38 -9.12 -4.13
C TYR B 204 -2.07 -9.00 -5.61
N ASN B 205 -0.85 -8.58 -5.92
CA ASN B 205 -0.44 -8.43 -7.32
C ASN B 205 0.13 -9.75 -7.85
N GLN B 206 0.66 -9.72 -9.08
CA GLN B 206 1.14 -10.93 -9.72
C GLN B 206 2.29 -11.57 -8.96
N GLU B 207 3.06 -10.77 -8.23
CA GLU B 207 4.19 -11.24 -7.45
C GLU B 207 3.80 -11.56 -6.01
N ASN B 208 2.50 -11.58 -5.71
CA ASN B 208 1.97 -11.90 -4.38
C ASN B 208 2.34 -10.86 -3.33
N GLN B 209 2.58 -9.63 -3.77
CA GLN B 209 2.75 -8.55 -2.81
C GLN B 209 1.40 -7.91 -2.50
N PRO B 210 1.16 -7.52 -1.25
CA PRO B 210 -0.11 -6.87 -0.91
C PRO B 210 -0.21 -5.49 -1.55
N ILE B 211 -1.44 -5.08 -1.83
CA ILE B 211 -1.67 -3.82 -2.55
C ILE B 211 -3.12 -3.41 -2.32
N ARG B 212 -3.35 -2.10 -2.29
CA ARG B 212 -4.69 -1.54 -2.22
C ARG B 212 -4.80 -0.42 -3.23
N VAL B 213 -6.05 -0.03 -3.52
CA VAL B 213 -6.28 1.00 -4.53
C VAL B 213 -5.65 2.31 -4.11
N ASN B 214 -5.11 3.05 -5.09
CA ASN B 214 -4.50 4.36 -4.86
C ASN B 214 -5.56 5.45 -5.03
N PRO B 215 -5.49 6.52 -4.23
CA PRO B 215 -6.34 7.69 -4.49
C PRO B 215 -6.07 8.23 -5.89
N GLY B 216 -7.12 8.79 -6.51
CA GLY B 216 -6.99 9.36 -7.82
C GLY B 216 -8.09 10.37 -8.08
N PRO B 217 -7.94 11.15 -9.16
CA PRO B 217 -8.93 12.20 -9.46
C PRO B 217 -10.27 11.59 -9.82
N LEU B 218 -11.33 12.09 -9.19
CA LEU B 218 -12.69 11.56 -9.38
C LEU B 218 -12.72 10.03 -9.26
N ASP B 219 -11.91 9.52 -8.34
CA ASP B 219 -11.82 8.07 -8.16
C ASP B 219 -13.14 7.45 -7.71
N ALA B 220 -13.85 8.10 -6.78
CA ALA B 220 -15.02 7.46 -6.18
C ALA B 220 -16.07 7.04 -7.20
N PRO B 221 -16.55 7.90 -8.09
CA PRO B 221 -17.60 7.46 -9.02
C PRO B 221 -17.13 6.47 -10.08
N ALA B 222 -15.81 6.40 -10.33
CA ALA B 222 -15.28 5.52 -11.38
C ALA B 222 -14.89 4.15 -10.85
N TYR B 223 -14.29 4.10 -9.65
CA TYR B 223 -13.77 2.81 -9.20
C TYR B 223 -13.58 2.77 -7.69
N GLY B 224 -14.30 3.58 -6.92
CA GLY B 224 -13.99 3.76 -5.51
C GLY B 224 -14.83 3.01 -4.49
N VAL B 225 -15.67 2.05 -4.89
CA VAL B 225 -16.55 1.37 -3.94
C VAL B 225 -15.92 0.06 -3.47
N LYS B 226 -16.10 -0.25 -2.20
CA LYS B 226 -15.71 -1.51 -1.60
C LYS B 226 -16.96 -2.12 -0.95
N SER B 227 -17.09 -3.45 -0.98
CA SER B 227 -18.31 -4.08 -0.50
C SER B 227 -18.02 -5.53 -0.13
N THR B 228 -19.01 -6.14 0.54
CA THR B 228 -18.94 -7.53 0.97
C THR B 228 -19.78 -8.40 0.05
N LEU B 229 -19.61 -9.71 0.15
CA LEU B 229 -20.45 -10.60 -0.64
C LEU B 229 -21.93 -10.47 -0.26
N PRO B 230 -22.31 -10.49 1.03
CA PRO B 230 -23.74 -10.32 1.34
C PRO B 230 -24.32 -9.04 0.78
N ASP B 231 -23.59 -7.92 0.84
CA ASP B 231 -24.11 -6.68 0.28
C ASP B 231 -24.27 -6.78 -1.23
N MET B 232 -23.28 -7.39 -1.91
CA MET B 232 -23.39 -7.49 -3.36
C MET B 232 -24.54 -8.38 -3.78
N LEU B 233 -24.83 -9.44 -3.01
CA LEU B 233 -26.02 -10.24 -3.28
C LEU B 233 -27.30 -9.45 -3.07
N SER B 234 -27.34 -8.59 -2.03
CA SER B 234 -28.49 -7.71 -1.86
C SER B 234 -28.63 -6.77 -3.04
N PHE B 235 -27.52 -6.26 -3.57
CA PHE B 235 -27.59 -5.36 -4.72
C PHE B 235 -28.12 -6.09 -5.95
N ILE B 236 -27.67 -7.33 -6.17
CA ILE B 236 -28.22 -8.12 -7.27
C ILE B 236 -29.71 -8.39 -7.02
N HIS B 237 -30.09 -8.70 -5.78
CA HIS B 237 -31.51 -8.90 -5.48
C HIS B 237 -32.34 -7.68 -5.86
N ALA B 238 -31.84 -6.49 -5.52
CA ALA B 238 -32.56 -5.26 -5.87
C ALA B 238 -32.67 -5.09 -7.38
N ASN B 239 -31.63 -5.48 -8.13
CA ASN B 239 -31.69 -5.41 -9.58
C ASN B 239 -32.66 -6.43 -10.17
N LEU B 240 -32.78 -7.61 -9.54
CA LEU B 240 -33.71 -8.64 -9.99
C LEU B 240 -35.14 -8.36 -9.59
N ASN B 241 -35.36 -7.63 -8.49
CA ASN B 241 -36.71 -7.43 -7.94
C ASN B 241 -36.93 -5.97 -7.57
N PRO B 242 -36.76 -5.03 -8.51
CA PRO B 242 -36.87 -3.61 -8.12
C PRO B 242 -38.25 -3.23 -7.63
N GLN B 243 -39.30 -3.91 -8.10
CA GLN B 243 -40.67 -3.61 -7.68
C GLN B 243 -40.89 -3.82 -6.18
N LYS B 244 -40.01 -4.57 -5.51
CA LYS B 244 -40.13 -4.81 -4.08
C LYS B 244 -39.53 -3.70 -3.23
N TYR B 245 -38.97 -2.66 -3.85
CA TYR B 245 -38.32 -1.59 -3.13
C TYR B 245 -39.13 -0.30 -3.23
N PRO B 246 -38.99 0.60 -2.26
CA PRO B 246 -39.68 1.90 -2.35
C PRO B 246 -39.36 2.63 -3.65
N ALA B 247 -40.32 3.45 -4.09
CA ALA B 247 -40.30 4.04 -5.43
C ALA B 247 -39.01 4.77 -5.76
N ASP B 248 -38.48 5.57 -4.82
CA ASP B 248 -37.29 6.37 -5.14
C ASP B 248 -36.13 5.50 -5.62
N ILE B 249 -35.85 4.41 -4.91
CA ILE B 249 -34.73 3.54 -5.32
C ILE B 249 -35.17 2.56 -6.41
N GLN B 250 -36.44 2.19 -6.42
CA GLN B 250 -36.95 1.32 -7.49
C GLN B 250 -36.78 1.99 -8.85
N ARG B 251 -37.19 3.25 -8.96
CA ARG B 251 -37.02 3.98 -10.21
C ARG B 251 -35.55 4.11 -10.58
N ALA B 252 -34.69 4.31 -9.59
CA ALA B 252 -33.26 4.43 -9.84
C ALA B 252 -32.71 3.14 -10.48
N ILE B 253 -33.06 2.00 -9.88
CA ILE B 253 -32.61 0.71 -10.41
C ILE B 253 -33.10 0.51 -11.84
N ASN B 254 -34.40 0.74 -12.07
CA ASN B 254 -34.93 0.55 -13.40
C ASN B 254 -34.28 1.45 -14.43
N GLU B 255 -33.87 2.66 -14.02
CA GLU B 255 -33.19 3.57 -14.93
C GLU B 255 -31.89 2.96 -15.44
N THR B 256 -31.22 2.16 -14.61
CA THR B 256 -29.95 1.55 -15.01
C THR B 256 -30.14 0.36 -15.93
N HIS B 257 -31.36 -0.09 -16.16
CA HIS B 257 -31.61 -1.26 -16.99
C HIS B 257 -31.97 -0.91 -18.42
N GLN B 258 -32.18 0.36 -18.72
CA GLN B 258 -32.61 0.77 -20.06
C GLN B 258 -31.41 0.88 -20.98
N GLY B 259 -31.39 0.07 -22.05
CA GLY B 259 -30.34 0.22 -23.04
C GLY B 259 -30.43 1.58 -23.73
N ARG B 260 -29.27 2.19 -23.94
CA ARG B 260 -29.20 3.54 -24.48
C ARG B 260 -28.72 3.59 -25.92
N TYR B 261 -27.90 2.64 -26.33
CA TYR B 261 -27.44 2.46 -27.70
C TYR B 261 -26.81 1.07 -27.75
N GLN B 262 -26.36 0.68 -28.94
CA GLN B 262 -25.80 -0.63 -29.18
C GLN B 262 -24.39 -0.50 -29.74
N VAL B 263 -23.50 -1.41 -29.36
CA VAL B 263 -22.23 -1.62 -30.06
C VAL B 263 -22.10 -3.12 -30.31
N ASN B 264 -22.24 -3.52 -31.57
CA ASN B 264 -22.24 -4.94 -31.95
C ASN B 264 -23.34 -5.62 -31.14
N THR B 265 -23.05 -6.69 -30.41
CA THR B 265 -24.04 -7.45 -29.66
C THR B 265 -24.25 -6.92 -28.26
N MET B 266 -23.59 -5.82 -27.88
CA MET B 266 -23.69 -5.27 -26.54
C MET B 266 -24.57 -4.02 -26.55
N TYR B 267 -25.49 -3.95 -25.59
CA TYR B 267 -26.28 -2.74 -25.36
C TYR B 267 -25.70 -2.02 -24.15
N GLN B 268 -25.40 -0.73 -24.30
CA GLN B 268 -24.91 0.05 -23.17
C GLN B 268 -26.10 0.58 -22.38
N ALA B 269 -26.32 0.04 -21.18
CA ALA B 269 -27.26 0.62 -20.23
C ALA B 269 -26.49 1.61 -19.35
N LEU B 270 -27.10 2.07 -18.27
N LEU B 270 -27.09 2.07 -18.26
CA LEU B 270 -26.41 2.96 -17.33
CA LEU B 270 -26.40 2.99 -17.37
C LEU B 270 -25.54 2.10 -16.41
C LEU B 270 -25.55 2.15 -16.41
N GLY B 271 -24.23 2.18 -16.60
CA GLY B 271 -23.33 1.33 -15.86
C GLY B 271 -23.31 -0.10 -16.37
N TRP B 272 -24.46 -0.77 -16.31
CA TRP B 272 -24.55 -2.15 -16.76
C TRP B 272 -24.35 -2.28 -18.26
N GLU B 273 -23.74 -3.41 -18.64
CA GLU B 273 -23.78 -3.88 -20.01
C GLU B 273 -24.96 -4.84 -20.14
N GLU B 274 -25.69 -4.74 -21.26
CA GLU B 274 -26.95 -5.43 -21.46
C GLU B 274 -26.88 -6.28 -22.72
N PHE B 275 -27.51 -7.46 -22.69
CA PHE B 275 -27.48 -8.38 -23.81
C PHE B 275 -28.84 -9.03 -23.98
N SER B 276 -29.16 -9.39 -25.22
CA SER B 276 -30.35 -10.21 -25.44
C SER B 276 -30.15 -11.58 -24.80
N TYR B 277 -31.19 -12.07 -24.14
CA TYR B 277 -31.08 -13.35 -23.46
C TYR B 277 -31.96 -14.38 -24.14
N PRO B 278 -31.48 -15.61 -24.37
CA PRO B 278 -30.17 -16.16 -23.99
C PRO B 278 -29.03 -15.57 -24.79
N ALA B 279 -27.93 -15.24 -24.12
CA ALA B 279 -26.72 -14.77 -24.78
C ALA B 279 -25.75 -15.93 -24.88
N THR B 280 -25.07 -16.04 -26.01
CA THR B 280 -24.00 -17.02 -26.11
C THR B 280 -22.83 -16.58 -25.24
N LEU B 281 -22.03 -17.56 -24.83
CA LEU B 281 -20.81 -17.25 -24.10
C LEU B 281 -19.92 -16.30 -24.89
N GLN B 282 -19.80 -16.52 -26.20
CA GLN B 282 -18.93 -15.66 -27.01
C GLN B 282 -19.38 -14.22 -26.99
N THR B 283 -20.70 -13.98 -27.03
CA THR B 283 -21.21 -12.62 -26.94
C THR B 283 -20.76 -11.95 -25.65
N LEU B 284 -20.90 -12.67 -24.52
CA LEU B 284 -20.45 -12.12 -23.24
C LEU B 284 -18.94 -11.87 -23.23
N LEU B 285 -18.16 -12.81 -23.78
CA LEU B 285 -16.72 -12.60 -23.84
C LEU B 285 -16.37 -11.41 -24.72
N ASP B 286 -17.07 -11.26 -25.85
CA ASP B 286 -16.78 -10.18 -26.79
C ASP B 286 -16.95 -8.82 -26.15
N SER B 287 -17.87 -8.70 -25.18
CA SER B 287 -18.07 -7.43 -24.51
C SER B 287 -16.82 -6.94 -23.78
N ASN B 288 -15.91 -7.86 -23.44
N ASN B 288 -15.92 -7.84 -23.41
CA ASN B 288 -14.68 -7.58 -22.71
CA ASN B 288 -14.70 -7.48 -22.71
C ASN B 288 -13.48 -7.35 -23.62
C ASN B 288 -13.47 -7.49 -23.62
N SER B 289 -13.66 -7.49 -24.93
CA SER B 289 -12.53 -7.45 -25.86
C SER B 289 -11.77 -6.13 -25.76
N GLU B 290 -10.49 -6.18 -26.14
CA GLU B 290 -9.68 -4.95 -26.21
C GLU B 290 -10.35 -3.88 -27.08
N GLN B 291 -10.96 -4.30 -28.19
CA GLN B 291 -11.60 -3.34 -29.09
C GLN B 291 -12.71 -2.57 -28.38
N ILE B 292 -13.55 -3.28 -27.62
CA ILE B 292 -14.68 -2.64 -26.95
C ILE B 292 -14.21 -1.82 -25.75
N VAL B 293 -13.29 -2.36 -24.96
CA VAL B 293 -12.93 -1.72 -23.70
C VAL B 293 -11.96 -0.57 -23.92
N MET B 294 -11.04 -0.70 -24.88
CA MET B 294 -9.90 0.20 -24.95
C MET B 294 -9.94 1.20 -26.10
N LYS B 295 -10.85 1.06 -27.05
CA LYS B 295 -10.80 1.83 -28.28
C LYS B 295 -12.16 2.47 -28.55
N PRO B 296 -12.21 3.53 -29.35
CA PRO B 296 -13.51 4.12 -29.67
C PRO B 296 -14.25 3.25 -30.67
N ASN B 297 -15.57 3.16 -30.50
CA ASN B 297 -16.41 2.42 -31.44
C ASN B 297 -17.66 3.22 -31.72
N LYS B 298 -18.09 3.24 -32.99
N LYS B 298 -18.06 3.29 -32.99
CA LYS B 298 -19.28 3.97 -33.40
CA LYS B 298 -19.29 3.98 -33.33
C LYS B 298 -20.54 3.30 -32.85
C LYS B 298 -20.46 3.28 -32.64
N VAL B 299 -21.38 4.07 -32.14
CA VAL B 299 -22.60 3.53 -31.55
C VAL B 299 -23.69 3.49 -32.61
N THR B 300 -24.62 2.56 -32.42
CA THR B 300 -25.78 2.47 -33.30
C THR B 300 -27.06 2.54 -32.47
N ALA B 301 -28.06 3.18 -33.04
CA ALA B 301 -29.33 3.35 -32.35
C ALA B 301 -30.02 2.01 -32.16
N ILE B 302 -30.70 1.86 -31.03
CA ILE B 302 -31.47 0.65 -30.77
C ILE B 302 -32.77 0.75 -31.54
N SER B 303 -33.02 -0.22 -32.43
CA SER B 303 -34.28 -0.24 -33.15
C SER B 303 -35.42 -0.70 -32.24
N LYS B 304 -35.13 -1.63 -31.34
CA LYS B 304 -36.11 -2.13 -30.39
C LYS B 304 -35.34 -2.77 -29.25
N GLU B 305 -35.61 -2.34 -28.03
CA GLU B 305 -34.99 -2.95 -26.86
C GLU B 305 -35.28 -4.45 -26.88
N PRO B 306 -34.28 -5.30 -26.58
CA PRO B 306 -34.56 -6.74 -26.53
C PRO B 306 -35.66 -7.03 -25.53
N SER B 307 -36.56 -7.95 -25.91
CA SER B 307 -37.68 -8.27 -25.03
C SER B 307 -37.24 -9.05 -23.79
N VAL B 308 -36.19 -9.86 -23.91
CA VAL B 308 -35.66 -10.63 -22.79
C VAL B 308 -34.17 -10.30 -22.67
N LYS B 309 -33.72 -9.91 -21.49
CA LYS B 309 -32.41 -9.29 -21.31
C LYS B 309 -31.64 -9.95 -20.17
N MET B 310 -30.31 -9.83 -20.24
CA MET B 310 -29.44 -10.09 -19.12
C MET B 310 -28.40 -8.98 -19.05
N TYR B 311 -27.69 -8.91 -17.92
CA TYR B 311 -26.78 -7.81 -17.67
C TYR B 311 -25.54 -8.32 -16.93
N HIS B 312 -24.40 -7.67 -17.20
CA HIS B 312 -23.20 -7.98 -16.42
C HIS B 312 -22.27 -6.77 -16.35
N LYS B 313 -21.24 -6.90 -15.51
CA LYS B 313 -20.13 -5.94 -15.45
C LYS B 313 -18.95 -6.60 -14.75
N THR B 314 -17.75 -6.42 -15.33
CA THR B 314 -16.50 -6.77 -14.69
C THR B 314 -15.89 -5.55 -14.01
N GLY B 315 -15.02 -5.81 -13.05
CA GLY B 315 -14.23 -4.74 -12.46
C GLY B 315 -12.94 -5.32 -11.92
N SER B 316 -11.87 -4.52 -11.98
CA SER B 316 -10.62 -4.87 -11.35
C SER B 316 -9.97 -3.63 -10.78
N THR B 317 -9.29 -3.79 -9.67
CA THR B 317 -8.25 -2.88 -9.22
C THR B 317 -6.92 -3.61 -9.33
N THR B 318 -5.84 -2.93 -8.94
CA THR B 318 -4.52 -3.56 -9.03
C THR B 318 -4.49 -4.90 -8.29
N GLY B 319 -5.25 -5.04 -7.21
CA GLY B 319 -5.19 -6.24 -6.40
C GLY B 319 -6.46 -7.07 -6.32
N PHE B 320 -7.51 -6.74 -7.08
CA PHE B 320 -8.82 -7.37 -6.91
C PHE B 320 -9.49 -7.63 -8.24
N GLY B 321 -10.34 -8.66 -8.26
CA GLY B 321 -11.24 -8.88 -9.39
C GLY B 321 -12.68 -8.99 -8.92
N THR B 322 -13.60 -8.56 -9.78
CA THR B 322 -15.03 -8.57 -9.52
C THR B 322 -15.77 -8.95 -10.79
N TYR B 323 -16.87 -9.68 -10.63
CA TYR B 323 -17.79 -9.91 -11.75
C TYR B 323 -19.19 -10.03 -11.17
N VAL B 324 -20.14 -9.35 -11.78
CA VAL B 324 -21.55 -9.45 -11.38
C VAL B 324 -22.39 -9.65 -12.63
N VAL B 325 -23.42 -10.47 -12.51
CA VAL B 325 -24.25 -10.85 -13.66
C VAL B 325 -25.63 -11.22 -13.14
N PHE B 326 -26.67 -10.83 -13.87
CA PHE B 326 -28.02 -11.26 -13.47
C PHE B 326 -28.92 -11.42 -14.69
N ILE B 327 -29.92 -12.28 -14.53
CA ILE B 327 -30.85 -12.65 -15.61
C ILE B 327 -32.27 -12.53 -15.06
N PRO B 328 -32.97 -11.43 -15.33
CA PRO B 328 -34.32 -11.27 -14.76
C PRO B 328 -35.28 -12.42 -15.04
N LYS B 329 -35.34 -12.92 -16.28
CA LYS B 329 -36.30 -13.97 -16.61
C LYS B 329 -36.13 -15.21 -15.73
N GLU B 330 -34.90 -15.52 -15.34
CA GLU B 330 -34.60 -16.69 -14.54
C GLU B 330 -34.53 -16.38 -13.05
N ASN B 331 -34.70 -15.11 -12.67
N ASN B 331 -34.68 -15.11 -12.66
CA ASN B 331 -34.62 -14.66 -11.28
CA ASN B 331 -34.65 -14.71 -11.26
C ASN B 331 -33.36 -15.17 -10.60
C ASN B 331 -33.35 -15.15 -10.57
N ILE B 332 -32.23 -15.00 -11.29
CA ILE B 332 -30.96 -15.51 -10.82
C ILE B 332 -29.84 -14.51 -11.10
N GLY B 333 -28.82 -14.55 -10.26
CA GLY B 333 -27.64 -13.72 -10.43
C GLY B 333 -26.46 -14.30 -9.69
N LEU B 334 -25.27 -13.79 -10.01
CA LEU B 334 -24.04 -14.29 -9.40
C LEU B 334 -23.08 -13.13 -9.16
N VAL B 335 -22.30 -13.23 -8.07
CA VAL B 335 -21.25 -12.28 -7.75
C VAL B 335 -19.97 -13.07 -7.47
N MET B 336 -18.86 -12.62 -8.05
CA MET B 336 -17.54 -13.16 -7.75
C MET B 336 -16.65 -12.02 -7.29
N LEU B 337 -15.98 -12.20 -6.15
CA LEU B 337 -15.01 -11.24 -5.63
C LEU B 337 -13.71 -11.99 -5.34
N THR B 338 -12.59 -11.48 -5.84
CA THR B 338 -11.28 -12.06 -5.54
C THR B 338 -10.33 -10.97 -5.10
N ASN B 339 -9.36 -11.33 -4.26
CA ASN B 339 -8.29 -10.40 -3.89
C ASN B 339 -7.00 -10.69 -4.65
N LYS B 340 -7.14 -11.15 -5.89
CA LYS B 340 -6.10 -11.08 -6.91
C LYS B 340 -6.85 -11.06 -8.23
N ARG B 341 -6.38 -10.25 -9.17
CA ARG B 341 -6.97 -10.26 -10.51
C ARG B 341 -6.85 -11.65 -11.13
N ILE B 342 -7.91 -12.07 -11.82
CA ILE B 342 -7.85 -13.20 -12.74
C ILE B 342 -8.45 -12.74 -14.06
N PRO B 343 -8.12 -13.41 -15.17
CA PRO B 343 -8.57 -12.91 -16.48
C PRO B 343 -10.09 -12.82 -16.53
N ASN B 344 -10.58 -11.74 -17.15
CA ASN B 344 -12.03 -11.53 -17.25
C ASN B 344 -12.72 -12.72 -17.89
N GLU B 345 -12.11 -13.30 -18.92
CA GLU B 345 -12.73 -14.44 -19.60
C GLU B 345 -12.99 -15.60 -18.63
N GLU B 346 -12.09 -15.80 -17.65
CA GLU B 346 -12.29 -16.89 -16.71
C GLU B 346 -13.47 -16.60 -15.78
N ARG B 347 -13.65 -15.34 -15.39
CA ARG B 347 -14.80 -14.97 -14.57
C ARG B 347 -16.09 -15.20 -15.33
N ILE B 348 -16.15 -14.74 -16.58
CA ILE B 348 -17.36 -14.86 -17.39
C ILE B 348 -17.68 -16.33 -17.67
N LYS B 349 -16.66 -17.13 -18.02
CA LYS B 349 -16.89 -18.54 -18.34
C LYS B 349 -17.39 -19.32 -17.12
N ALA B 350 -16.78 -19.12 -15.96
CA ALA B 350 -17.19 -19.87 -14.77
C ALA B 350 -18.61 -19.50 -14.35
N ALA B 351 -18.95 -18.22 -14.42
CA ALA B 351 -20.31 -17.80 -14.09
C ALA B 351 -21.31 -18.36 -15.08
N TYR B 352 -20.94 -18.39 -16.36
CA TYR B 352 -21.81 -18.93 -17.39
C TYR B 352 -22.09 -20.41 -17.13
N ALA B 353 -21.05 -21.17 -16.77
CA ALA B 353 -21.25 -22.58 -16.49
C ALA B 353 -22.16 -22.79 -15.28
N VAL B 354 -21.99 -21.97 -14.23
CA VAL B 354 -22.80 -22.14 -13.04
C VAL B 354 -24.26 -21.77 -13.31
N LEU B 355 -24.48 -20.58 -13.87
CA LEU B 355 -25.85 -20.12 -14.08
C LEU B 355 -26.62 -21.01 -15.05
N ASN B 356 -25.93 -21.61 -16.04
CA ASN B 356 -26.62 -22.47 -16.98
C ASN B 356 -26.87 -23.89 -16.45
N ALA B 357 -26.07 -24.33 -15.48
CA ALA B 357 -26.20 -25.67 -14.93
C ALA B 357 -27.14 -25.74 -13.74
N ILE B 358 -27.41 -24.60 -13.09
CA ILE B 358 -28.24 -24.60 -11.89
C ILE B 358 -29.67 -24.99 -12.25
N LYS B 359 -30.23 -25.92 -11.49
CA LYS B 359 -31.57 -26.42 -11.78
C LYS B 359 -32.59 -25.29 -11.66
N LYS B 360 -33.42 -25.15 -12.69
CA LYS B 360 -34.37 -24.05 -12.78
C LYS B 360 -35.68 -24.38 -12.09
P PO4 C . 31.14 9.39 -0.23
O1 PO4 C . 31.43 10.44 0.82
O2 PO4 C . 32.29 9.29 -1.19
O3 PO4 C . 30.90 8.04 0.42
O4 PO4 C . 29.88 9.73 -0.99
B11 A1JLW D . 14.42 -0.04 16.49
C02 A1JLW D . 10.27 1.53 14.45
C03 A1JLW D . 11.73 1.35 14.51
C04 A1JLW D . 12.20 0.22 15.38
C05 A1JLW D . 11.99 0.39 16.90
C06 A1JLW D . 10.80 0.65 17.61
C07 A1JLW D . 10.88 0.77 19.03
C08 A1JLW D . 12.08 0.64 19.67
C09 A1JLW D . 13.28 0.38 18.95
C10 A1JLW D . 13.22 0.28 17.53
O01 A1JLW D . 9.72 2.66 14.88
O12 A1JLW D . 13.60 -0.02 15.20
O15 A1JLW D . 9.43 0.65 13.99
N GLY E . 27.47 25.16 8.47
CA GLY E . 26.92 24.91 7.15
C GLY E . 25.86 25.91 6.75
O GLY E . 25.38 26.69 7.57
OXT GLY E . 25.44 25.96 5.59
P PO4 F . 12.38 0.89 15.33
O1 PO4 F . 11.01 0.32 15.53
O2 PO4 F . 13.00 1.24 16.66
O3 PO4 F . 13.26 -0.13 14.63
O4 PO4 F . 12.29 2.15 14.48
P PO4 G . -13.08 -2.70 -16.40
O1 PO4 G . -12.42 -1.72 -15.47
O2 PO4 G . -13.23 -4.02 -15.70
O3 PO4 G . -12.24 -2.88 -17.65
O4 PO4 G . -14.45 -2.18 -16.79
B11 A1JLW H . -13.71 -0.28 -15.76
C02 A1JLW H . -12.34 -4.64 -17.46
C03 A1JLW H . -13.16 -3.72 -16.63
C04 A1JLW H . -13.24 -2.29 -17.15
C05 A1JLW H . -11.93 -1.48 -17.03
C06 A1JLW H . -10.65 -1.74 -17.58
C07 A1JLW H . -9.61 -0.81 -17.32
C08 A1JLW H . -9.84 0.30 -16.57
C09 A1JLW H . -11.13 0.57 -16.01
C10 A1JLW H . -12.17 -0.36 -16.24
O01 A1JLW H . -12.63 -4.83 -18.74
O12 A1JLW H . -14.23 -1.52 -16.46
O15 A1JLW H . -11.33 -5.31 -17.04
#